data_8HPE
#
_entry.id   8HPE
#
_cell.length_a   120.949
_cell.length_b   120.949
_cell.length_c   177.624
_cell.angle_alpha   90.00
_cell.angle_beta   90.00
_cell.angle_gamma   90.00
#
_symmetry.space_group_name_H-M   'P 4 21 2'
#
loop_
_entity.id
_entity.type
_entity.pdbx_description
1 polymer 'Leucine dehydrogenase'
2 non-polymer 'SULFATE ION'
3 non-polymer GLYCEROL
4 water water
#
_entity_poly.entity_id   1
_entity_poly.type   'polypeptide(L)'
_entity_poly.pdbx_seq_one_letter_code
;MTLEIFEYLEKYDYEQVVFCQDKESGLKAIIAIHDTTLGPALGGTRMWTYDSEEAAIEDALRLAKGMTYKNAAAGLNLGG
AKTVIIGDPRKDKSEAMFRALGRYIQGLNGRYITAEDVGTTVDDMDIIHEETDFVTGISPSFGSSGNPSPVTAYGVYRGM
KAAAKEAVGTDNLEGKVIAVQGVGNVAYHLCKHLHAEGAKLIVTDINKEAVQRAVEEFGASAVEPNEIYGVECDIYAPCA
LGATVNDETIPQLKAKVIAGSANNQLKENRHGDIIHEMGIVYAPDYVINAGGVINVADELYGYNRERALKRVESIYDTIA
KVIEISKRDGIATYVAADRLAEERIASLKNSRSTYLRNGHDIISRR
;
_entity_poly.pdbx_strand_id   A,B
#
# COMPACT_ATOMS: atom_id res chain seq x y z
N LEU A 3 -13.18 -9.87 3.14
CA LEU A 3 -11.99 -9.14 2.54
C LEU A 3 -12.35 -8.67 1.12
N GLU A 4 -13.47 -7.94 0.97
CA GLU A 4 -13.96 -7.35 -0.31
C GLU A 4 -13.36 -5.95 -0.52
N ILE A 5 -12.05 -5.82 -0.29
CA ILE A 5 -11.33 -4.52 -0.14
C ILE A 5 -11.71 -3.62 -1.30
N PHE A 6 -11.36 -4.01 -2.53
CA PHE A 6 -11.55 -3.20 -3.76
C PHE A 6 -12.99 -2.70 -3.87
N GLU A 7 -13.97 -3.54 -3.50
CA GLU A 7 -15.41 -3.21 -3.63
C GLU A 7 -15.70 -2.02 -2.71
N TYR A 8 -15.18 -2.07 -1.48
CA TYR A 8 -15.32 -1.02 -0.45
C TYR A 8 -14.54 0.21 -0.89
N LEU A 9 -13.31 0.03 -1.38
CA LEU A 9 -12.44 1.12 -1.88
C LEU A 9 -13.16 1.87 -3.02
N GLU A 10 -13.75 1.13 -3.96
CA GLU A 10 -14.39 1.74 -5.15
C GLU A 10 -15.65 2.46 -4.70
N LYS A 11 -16.33 1.95 -3.66
CA LYS A 11 -17.60 2.51 -3.14
C LYS A 11 -17.39 4.00 -2.79
N TYR A 12 -16.51 4.31 -1.83
CA TYR A 12 -16.28 5.70 -1.38
C TYR A 12 -15.01 6.25 -2.05
N ASP A 13 -14.58 5.62 -3.15
CA ASP A 13 -13.46 6.07 -4.02
C ASP A 13 -12.24 6.39 -3.16
N TYR A 14 -11.79 5.43 -2.34
CA TYR A 14 -10.49 5.46 -1.62
C TYR A 14 -9.37 5.43 -2.65
N GLU A 15 -8.16 5.82 -2.25
CA GLU A 15 -6.99 5.92 -3.16
C GLU A 15 -6.10 4.69 -2.97
N GLN A 16 -5.58 4.49 -1.76
CA GLN A 16 -4.59 3.42 -1.51
C GLN A 16 -4.86 2.83 -0.12
N VAL A 17 -4.65 1.53 0.04
CA VAL A 17 -4.45 0.89 1.37
C VAL A 17 -3.07 0.24 1.35
N VAL A 18 -2.16 0.69 2.21
CA VAL A 18 -0.73 0.33 2.11
C VAL A 18 -0.36 -0.55 3.31
N PHE A 19 -0.38 -1.86 3.10
CA PHE A 19 0.06 -2.87 4.10
C PHE A 19 1.57 -2.78 4.22
N CYS A 20 2.09 -2.55 5.41
CA CYS A 20 3.53 -2.45 5.71
C CYS A 20 3.86 -3.50 6.78
N GLN A 21 5.00 -4.19 6.65
CA GLN A 21 5.42 -5.34 7.50
C GLN A 21 6.94 -5.28 7.64
N ASP A 22 7.46 -5.42 8.85
CA ASP A 22 8.91 -5.56 9.09
C ASP A 22 9.13 -6.60 10.18
N LYS A 23 9.56 -7.81 9.80
CA LYS A 23 9.58 -9.01 10.68
C LYS A 23 10.46 -8.74 11.90
N GLU A 24 11.60 -8.09 11.70
CA GLU A 24 12.57 -7.79 12.79
C GLU A 24 11.78 -7.19 13.94
N SER A 25 11.09 -6.07 13.70
CA SER A 25 10.25 -5.36 14.69
C SER A 25 8.97 -6.17 14.94
N GLY A 26 8.28 -6.62 13.89
CA GLY A 26 6.96 -7.26 13.99
C GLY A 26 5.88 -6.31 13.52
N LEU A 27 6.27 -5.08 13.16
CA LEU A 27 5.35 -4.03 12.64
C LEU A 27 4.37 -4.69 11.68
N LYS A 28 3.07 -4.49 11.92
CA LYS A 28 2.00 -4.79 10.95
C LYS A 28 1.10 -3.58 10.91
N ALA A 29 1.38 -2.62 10.02
CA ALA A 29 0.66 -1.34 9.90
C ALA A 29 -0.14 -1.28 8.60
N ILE A 30 -1.38 -0.83 8.70
CA ILE A 30 -2.22 -0.49 7.52
C ILE A 30 -2.29 1.03 7.43
N ILE A 31 -1.59 1.64 6.48
CA ILE A 31 -1.77 3.07 6.13
C ILE A 31 -2.86 3.10 5.07
N ALA A 32 -4.01 3.70 5.38
CA ALA A 32 -5.15 3.82 4.45
C ALA A 32 -5.28 5.28 4.06
N ILE A 33 -5.36 5.56 2.77
CA ILE A 33 -5.43 6.93 2.22
C ILE A 33 -6.74 7.02 1.45
N HIS A 34 -7.70 7.83 1.93
CA HIS A 34 -9.05 7.94 1.32
C HIS A 34 -9.00 8.93 0.16
N ASP A 35 -8.54 10.15 0.42
CA ASP A 35 -8.53 11.22 -0.61
C ASP A 35 -7.25 12.02 -0.43
N THR A 36 -6.69 12.57 -1.51
CA THR A 36 -5.56 13.54 -1.45
C THR A 36 -5.85 14.72 -2.39
N THR A 37 -7.13 15.06 -2.60
CA THR A 37 -7.55 16.09 -3.58
C THR A 37 -6.99 17.45 -3.14
N LEU A 38 -7.10 17.73 -1.85
CA LEU A 38 -6.73 19.06 -1.29
C LEU A 38 -5.22 19.14 -1.06
N GLY A 39 -4.52 17.98 -1.06
CA GLY A 39 -3.10 17.90 -0.66
C GLY A 39 -2.71 16.56 -0.05
N PRO A 40 -1.55 16.50 0.66
CA PRO A 40 -1.16 15.30 1.39
C PRO A 40 -2.28 14.87 2.35
N ALA A 41 -2.51 13.57 2.47
CA ALA A 41 -3.41 13.02 3.51
C ALA A 41 -2.69 13.13 4.85
N LEU A 42 -3.40 13.61 5.85
CA LEU A 42 -2.94 13.67 7.27
C LEU A 42 -3.86 12.83 8.13
N GLY A 43 -3.32 12.19 9.15
CA GLY A 43 -4.00 11.19 9.98
C GLY A 43 -3.01 10.46 10.86
N GLY A 44 -3.34 10.28 12.13
CA GLY A 44 -2.41 9.75 13.15
C GLY A 44 -2.21 8.27 12.99
N THR A 45 -1.25 7.73 13.73
CA THR A 45 -0.99 6.28 13.81
C THR A 45 -1.64 5.75 15.08
N ARG A 46 -2.73 5.02 14.93
CA ARG A 46 -3.43 4.34 16.03
C ARG A 46 -2.79 2.96 16.24
N MET A 47 -2.43 2.60 17.47
CA MET A 47 -1.86 1.26 17.77
C MET A 47 -2.72 0.59 18.82
N TRP A 48 -3.58 -0.32 18.38
CA TRP A 48 -4.51 -1.06 19.27
C TRP A 48 -4.48 -2.53 18.85
N THR A 49 -4.76 -3.44 19.80
CA THR A 49 -4.93 -4.89 19.57
C THR A 49 -6.31 -5.07 18.91
N TYR A 50 -6.47 -6.01 17.98
CA TYR A 50 -7.75 -6.17 17.23
C TYR A 50 -8.31 -7.59 17.32
N ASP A 51 -9.64 -7.65 17.47
CA ASP A 51 -10.54 -8.80 17.26
C ASP A 51 -9.95 -9.79 16.24
N SER A 52 -9.48 -9.29 15.09
CA SER A 52 -9.10 -10.03 13.85
C SER A 52 -8.48 -9.03 12.86
N GLU A 53 -7.63 -9.49 11.95
CA GLU A 53 -6.97 -8.63 10.94
C GLU A 53 -8.01 -7.85 10.13
N GLU A 54 -9.13 -8.46 9.79
CA GLU A 54 -10.21 -7.82 8.98
C GLU A 54 -10.68 -6.53 9.66
N ALA A 55 -10.89 -6.58 10.98
CA ALA A 55 -11.34 -5.46 11.82
C ALA A 55 -10.33 -4.31 11.73
N ALA A 56 -9.05 -4.60 11.86
CA ALA A 56 -7.94 -3.61 11.78
C ALA A 56 -7.99 -2.90 10.42
N ILE A 57 -8.35 -3.60 9.34
CA ILE A 57 -8.40 -2.99 7.98
C ILE A 57 -9.62 -2.08 7.92
N GLU A 58 -10.79 -2.57 8.32
CA GLU A 58 -12.06 -1.79 8.37
C GLU A 58 -11.86 -0.53 9.21
N ASP A 59 -11.10 -0.61 10.31
CA ASP A 59 -10.85 0.55 11.20
C ASP A 59 -10.07 1.61 10.41
N ALA A 60 -8.88 1.25 9.95
CA ALA A 60 -8.01 2.12 9.13
C ALA A 60 -8.86 2.88 8.11
N LEU A 61 -9.72 2.18 7.39
CA LEU A 61 -10.54 2.76 6.29
C LEU A 61 -11.55 3.73 6.87
N ARG A 62 -12.35 3.27 7.83
CA ARG A 62 -13.34 4.10 8.57
C ARG A 62 -12.69 5.44 8.93
N LEU A 63 -11.61 5.38 9.72
CA LEU A 63 -10.93 6.56 10.31
C LEU A 63 -10.41 7.49 9.21
N ALA A 64 -9.84 6.90 8.15
CA ALA A 64 -9.16 7.64 7.06
C ALA A 64 -10.20 8.48 6.31
N LYS A 65 -11.32 7.85 5.93
CA LYS A 65 -12.47 8.53 5.28
C LYS A 65 -12.91 9.66 6.22
N GLY A 66 -12.90 9.40 7.52
CA GLY A 66 -13.13 10.41 8.56
C GLY A 66 -12.28 11.65 8.32
N MET A 67 -10.97 11.49 8.37
CA MET A 67 -10.02 12.62 8.32
C MET A 67 -10.24 13.47 7.04
N THR A 68 -10.65 12.85 5.93
CA THR A 68 -10.86 13.54 4.63
C THR A 68 -11.81 14.71 4.87
N TYR A 69 -12.88 14.42 5.64
CA TYR A 69 -14.04 15.29 5.94
C TYR A 69 -13.68 16.28 7.06
N LYS A 70 -13.03 15.80 8.14
CA LYS A 70 -12.49 16.68 9.21
C LYS A 70 -11.62 17.75 8.53
N ASN A 71 -10.53 17.34 7.91
CA ASN A 71 -9.55 18.27 7.30
C ASN A 71 -10.27 19.21 6.33
N ALA A 72 -11.25 18.70 5.57
CA ALA A 72 -11.98 19.50 4.56
C ALA A 72 -12.65 20.68 5.27
N ALA A 73 -13.55 20.37 6.21
CA ALA A 73 -14.44 21.34 6.89
C ALA A 73 -13.61 22.30 7.75
N ALA A 74 -12.58 21.77 8.40
CA ALA A 74 -11.58 22.49 9.23
C ALA A 74 -10.77 23.50 8.41
N GLY A 75 -10.99 23.53 7.08
CA GLY A 75 -10.38 24.49 6.15
C GLY A 75 -8.89 24.22 5.96
N LEU A 76 -8.48 22.96 6.07
CA LEU A 76 -7.08 22.53 5.89
C LEU A 76 -6.88 22.17 4.42
N ASN A 77 -5.62 22.12 3.99
CA ASN A 77 -5.26 21.70 2.62
C ASN A 77 -4.62 20.32 2.72
N LEU A 78 -5.45 19.36 3.10
CA LEU A 78 -5.04 18.01 3.52
C LEU A 78 -6.19 17.04 3.23
N GLY A 79 -5.84 15.85 2.76
CA GLY A 79 -6.82 14.78 2.52
C GLY A 79 -6.84 13.88 3.73
N GLY A 80 -7.60 12.80 3.63
CA GLY A 80 -7.89 11.87 4.74
C GLY A 80 -7.06 10.62 4.64
N ALA A 81 -6.35 10.31 5.72
CA ALA A 81 -5.65 9.03 5.90
C ALA A 81 -5.58 8.70 7.38
N LYS A 82 -5.12 7.50 7.69
CA LYS A 82 -4.91 7.03 9.06
C LYS A 82 -4.08 5.75 8.95
N THR A 83 -3.12 5.55 9.84
CA THR A 83 -2.41 4.26 10.01
C THR A 83 -3.03 3.52 11.20
N VAL A 84 -3.24 2.22 11.09
CA VAL A 84 -3.53 1.33 12.26
C VAL A 84 -2.39 0.32 12.36
N ILE A 85 -1.52 0.42 13.38
CA ILE A 85 -0.59 -0.68 13.76
C ILE A 85 -1.44 -1.74 14.46
N ILE A 86 -1.18 -3.01 14.22
CA ILE A 86 -1.80 -4.13 14.99
C ILE A 86 -0.82 -4.52 16.08
N GLY A 87 -1.16 -4.24 17.34
CA GLY A 87 -0.23 -4.35 18.47
C GLY A 87 -0.89 -4.01 19.79
N ASP A 88 -0.21 -4.35 20.89
CA ASP A 88 -0.55 -3.99 22.29
C ASP A 88 0.46 -2.93 22.75
N PRO A 89 0.15 -1.62 22.63
CA PRO A 89 1.13 -0.56 22.81
C PRO A 89 2.00 -0.76 24.06
N ARG A 90 1.38 -1.31 25.11
CA ARG A 90 2.05 -1.53 26.42
C ARG A 90 3.17 -2.57 26.25
N LYS A 91 3.16 -3.41 25.22
CA LYS A 91 4.05 -4.61 25.14
C LYS A 91 4.87 -4.65 23.85
N ASP A 92 4.32 -4.28 22.69
CA ASP A 92 4.84 -4.70 21.36
C ASP A 92 5.63 -3.60 20.65
N LYS A 93 6.03 -2.54 21.34
CA LYS A 93 6.69 -1.38 20.68
C LYS A 93 8.20 -1.60 20.70
N SER A 94 8.93 -1.02 19.74
CA SER A 94 10.42 -1.01 19.69
C SER A 94 10.86 0.19 18.88
N GLU A 95 12.12 0.60 19.02
CA GLU A 95 12.71 1.66 18.16
C GLU A 95 12.51 1.23 16.70
N ALA A 96 12.98 0.02 16.40
CA ALA A 96 12.85 -0.66 15.09
C ALA A 96 11.48 -0.37 14.48
N MET A 97 10.43 -0.77 15.20
CA MET A 97 9.03 -0.73 14.69
C MET A 97 8.68 0.67 14.19
N PHE A 98 9.24 1.72 14.78
CA PHE A 98 8.88 3.12 14.42
C PHE A 98 9.87 3.62 13.36
N ARG A 99 11.12 3.17 13.39
CA ARG A 99 12.10 3.44 12.30
C ARG A 99 11.57 2.77 11.03
N ALA A 100 11.16 1.50 11.17
CA ALA A 100 10.51 0.70 10.10
C ALA A 100 9.44 1.56 9.43
N LEU A 101 8.38 1.92 10.18
CA LEU A 101 7.18 2.63 9.68
C LEU A 101 7.58 3.99 9.12
N GLY A 102 8.53 4.65 9.78
CA GLY A 102 9.10 5.92 9.32
C GLY A 102 9.55 5.81 7.89
N ARG A 103 10.31 4.76 7.56
CA ARG A 103 10.89 4.57 6.20
C ARG A 103 9.73 4.36 5.22
N TYR A 104 8.73 3.55 5.58
CA TYR A 104 7.56 3.28 4.72
C TYR A 104 6.82 4.59 4.42
N ILE A 105 6.73 5.50 5.39
CA ILE A 105 6.06 6.83 5.24
C ILE A 105 6.87 7.71 4.27
N GLN A 106 8.19 7.66 4.39
CA GLN A 106 9.13 8.40 3.52
C GLN A 106 9.04 7.83 2.10
N GLY A 107 8.73 6.53 2.00
CA GLY A 107 8.48 5.82 0.74
C GLY A 107 7.01 5.84 0.39
N LEU A 108 6.38 6.99 0.68
CA LEU A 108 5.12 7.49 0.09
C LEU A 108 5.35 8.97 -0.29
N ASN A 109 6.51 9.52 0.10
CA ASN A 109 7.05 10.83 -0.36
C ASN A 109 5.94 11.90 -0.37
N GLY A 110 5.34 12.06 0.81
CA GLY A 110 4.51 13.22 1.14
C GLY A 110 3.05 13.00 0.81
N ARG A 111 2.68 11.80 0.38
CA ARG A 111 1.25 11.47 0.11
C ARG A 111 0.54 11.32 1.45
N TYR A 112 1.26 10.83 2.46
CA TYR A 112 0.75 10.58 3.83
C TYR A 112 1.69 11.28 4.81
N ILE A 113 1.07 12.07 5.71
CA ILE A 113 1.67 12.76 6.89
C ILE A 113 0.96 12.20 8.13
N THR A 114 1.71 11.51 8.99
CA THR A 114 1.20 10.90 10.25
C THR A 114 1.33 11.90 11.41
N ALA A 115 0.93 11.43 12.58
CA ALA A 115 0.96 12.13 13.87
C ALA A 115 0.44 11.14 14.91
N GLU A 116 0.42 11.52 16.20
CA GLU A 116 -0.01 10.63 17.30
C GLU A 116 -1.49 10.30 17.15
N ASP A 117 -1.89 9.14 17.65
CA ASP A 117 -3.31 8.76 17.87
C ASP A 117 -3.35 7.83 19.09
N VAL A 118 -4.51 7.23 19.35
CA VAL A 118 -4.68 6.15 20.37
C VAL A 118 -3.53 5.14 20.21
N GLY A 119 -2.73 4.93 21.25
CA GLY A 119 -1.70 3.87 21.28
C GLY A 119 -0.32 4.38 20.93
N THR A 120 -0.19 5.64 20.49
CA THR A 120 1.10 6.21 20.08
C THR A 120 1.41 7.48 20.90
N THR A 121 2.67 7.58 21.31
CA THR A 121 3.27 8.68 22.13
C THR A 121 3.93 9.67 21.18
N VAL A 122 4.34 10.86 21.63
CA VAL A 122 5.22 11.73 20.80
C VAL A 122 6.59 11.07 20.71
N ASP A 123 7.14 10.49 21.79
CA ASP A 123 8.38 9.68 21.74
C ASP A 123 8.32 8.73 20.53
N ASP A 124 7.14 8.16 20.25
CA ASP A 124 6.91 7.33 19.05
C ASP A 124 7.15 8.16 17.79
N MET A 125 6.41 9.24 17.59
CA MET A 125 6.56 10.11 16.40
C MET A 125 8.00 10.62 16.29
N ASP A 126 8.71 10.77 17.43
CA ASP A 126 10.08 11.33 17.46
C ASP A 126 11.04 10.35 16.78
N ILE A 127 10.70 9.06 16.78
CA ILE A 127 11.50 7.99 16.12
C ILE A 127 11.19 7.99 14.62
N ILE A 128 9.91 7.93 14.28
CA ILE A 128 9.40 8.16 12.89
C ILE A 128 10.09 9.38 12.30
N HIS A 129 10.25 10.46 13.04
CA HIS A 129 10.86 11.73 12.54
C HIS A 129 12.33 11.50 12.18
N GLU A 130 12.97 10.48 12.76
CA GLU A 130 14.39 10.16 12.45
C GLU A 130 14.48 9.77 10.98
N GLU A 131 13.37 9.31 10.39
CA GLU A 131 13.32 8.61 9.06
C GLU A 131 12.68 9.48 7.98
N THR A 132 11.82 10.43 8.36
CA THR A 132 11.00 11.29 7.46
C THR A 132 10.64 12.58 8.18
N ASP A 133 10.17 13.61 7.45
CA ASP A 133 9.53 14.81 8.08
C ASP A 133 8.05 14.84 7.74
N PHE A 134 7.46 13.72 7.30
CA PHE A 134 6.02 13.63 6.95
C PHE A 134 5.30 13.13 8.19
N VAL A 135 5.44 13.91 9.25
CA VAL A 135 5.04 13.57 10.64
C VAL A 135 4.94 14.87 11.41
N THR A 136 3.89 15.03 12.20
CA THR A 136 3.65 16.27 12.97
C THR A 136 3.33 15.85 14.40
N GLY A 137 3.19 16.81 15.32
CA GLY A 137 3.08 16.57 16.77
C GLY A 137 4.42 16.15 17.36
N ILE A 138 5.44 16.98 17.16
CA ILE A 138 6.82 16.84 17.74
C ILE A 138 7.06 17.97 18.74
N SER A 139 6.88 17.69 20.04
CA SER A 139 6.90 18.66 21.17
C SER A 139 8.33 19.07 21.53
N PRO A 140 9.33 18.13 21.51
CA PRO A 140 10.73 18.52 21.70
C PRO A 140 11.17 19.74 20.87
N SER A 141 10.61 19.89 19.65
CA SER A 141 10.79 21.00 18.67
C SER A 141 10.47 22.36 19.32
N GLY A 146 2.66 21.31 22.36
CA GLY A 146 3.09 20.52 23.54
C GLY A 146 1.97 19.62 24.04
N ASN A 147 0.97 20.24 24.68
CA ASN A 147 -0.39 19.70 24.96
C ASN A 147 -1.34 20.20 23.87
N PRO A 148 -1.91 19.39 22.95
CA PRO A 148 -2.86 19.91 21.97
C PRO A 148 -4.19 20.25 22.68
N SER A 149 -4.38 19.66 23.87
CA SER A 149 -5.64 19.51 24.65
C SER A 149 -6.38 20.84 24.79
N PRO A 150 -5.74 21.95 25.20
CA PRO A 150 -6.43 23.23 25.39
C PRO A 150 -7.01 23.84 24.11
N VAL A 151 -6.46 23.46 22.96
CA VAL A 151 -6.81 24.04 21.63
C VAL A 151 -8.06 23.32 21.12
N THR A 152 -8.07 22.00 21.20
CA THR A 152 -9.26 21.14 20.96
C THR A 152 -10.45 21.74 21.73
N ALA A 153 -10.21 22.10 23.00
CA ALA A 153 -11.19 22.64 23.98
C ALA A 153 -11.65 24.03 23.56
N TYR A 154 -10.69 24.92 23.35
CA TYR A 154 -10.97 26.28 22.85
C TYR A 154 -11.81 26.15 21.57
N GLY A 155 -11.52 25.10 20.80
CA GLY A 155 -12.26 24.74 19.58
C GLY A 155 -13.72 24.49 19.87
N VAL A 156 -14.00 23.71 20.93
CA VAL A 156 -15.38 23.30 21.32
C VAL A 156 -16.13 24.53 21.81
N TYR A 157 -15.52 25.29 22.72
CA TYR A 157 -16.05 26.57 23.26
C TYR A 157 -16.64 27.38 22.11
N ARG A 158 -15.88 27.60 21.04
CA ARG A 158 -16.30 28.39 19.85
C ARG A 158 -17.44 27.66 19.14
N GLY A 159 -17.33 26.34 19.01
CA GLY A 159 -18.42 25.49 18.48
C GLY A 159 -19.69 25.72 19.26
N MET A 160 -19.63 25.46 20.57
CA MET A 160 -20.78 25.56 21.53
C MET A 160 -21.53 26.85 21.26
N LYS A 161 -20.81 27.97 21.23
CA LYS A 161 -21.41 29.33 21.09
C LYS A 161 -22.38 29.36 19.91
N ALA A 162 -21.87 29.15 18.69
CA ALA A 162 -22.66 29.24 17.44
C ALA A 162 -23.92 28.36 17.57
N ALA A 163 -23.79 27.18 18.20
CA ALA A 163 -24.92 26.28 18.53
C ALA A 163 -25.88 27.01 19.48
N ALA A 164 -25.38 27.56 20.59
CA ALA A 164 -26.16 28.35 21.57
C ALA A 164 -26.95 29.43 20.83
N LYS A 165 -26.28 30.26 20.02
CA LYS A 165 -26.92 31.40 19.32
C LYS A 165 -28.10 30.95 18.46
N GLU A 166 -28.04 29.74 17.89
CA GLU A 166 -29.12 29.21 17.04
C GLU A 166 -30.27 28.75 17.94
N ALA A 167 -29.96 27.97 19.00
CA ALA A 167 -30.95 27.31 19.88
C ALA A 167 -31.53 28.31 20.87
N VAL A 168 -30.63 29.04 21.50
CA VAL A 168 -30.87 29.79 22.77
C VAL A 168 -31.04 31.28 22.40
N GLY A 169 -30.43 31.79 21.32
CA GLY A 169 -30.72 33.13 20.75
C GLY A 169 -29.57 34.12 20.90
N THR A 170 -28.53 33.75 21.66
CA THR A 170 -27.28 34.53 21.86
C THR A 170 -26.07 33.58 21.99
N ASP A 171 -24.91 34.02 21.47
CA ASP A 171 -23.62 33.29 21.55
C ASP A 171 -23.02 33.47 22.95
N ASN A 172 -23.66 34.27 23.79
CA ASN A 172 -23.29 34.40 25.21
C ASN A 172 -23.74 33.16 25.98
N LEU A 173 -22.83 32.65 26.82
CA LEU A 173 -23.00 31.40 27.61
C LEU A 173 -23.17 31.75 29.08
N GLU A 174 -23.23 33.05 29.43
CA GLU A 174 -23.55 33.53 30.80
C GLU A 174 -24.95 33.05 31.16
N GLY A 175 -25.13 32.55 32.39
CA GLY A 175 -26.41 32.06 32.91
C GLY A 175 -26.67 30.62 32.51
N LYS A 176 -26.15 30.21 31.33
CA LYS A 176 -26.41 28.90 30.69
C LYS A 176 -25.78 27.78 31.53
N VAL A 177 -26.52 26.68 31.68
CA VAL A 177 -26.12 25.50 32.49
C VAL A 177 -25.62 24.42 31.55
N ILE A 178 -24.34 24.03 31.68
CA ILE A 178 -23.63 23.13 30.75
C ILE A 178 -23.41 21.80 31.48
N ALA A 179 -23.94 20.71 30.92
CA ALA A 179 -23.70 19.33 31.41
C ALA A 179 -22.49 18.73 30.67
N VAL A 180 -21.33 18.66 31.33
CA VAL A 180 -20.03 18.23 30.73
C VAL A 180 -19.74 16.76 31.11
N GLN A 181 -20.01 15.83 30.18
CA GLN A 181 -19.72 14.36 30.33
C GLN A 181 -18.22 14.12 30.16
N GLY A 182 -17.57 13.60 31.21
CA GLY A 182 -16.11 13.38 31.26
C GLY A 182 -15.40 14.66 31.65
N VAL A 183 -14.47 14.58 32.61
CA VAL A 183 -13.48 15.66 32.89
C VAL A 183 -12.12 15.12 32.49
N GLY A 184 -11.91 15.00 31.18
CA GLY A 184 -10.60 14.76 30.56
C GLY A 184 -9.77 16.04 30.56
N ASN A 185 -8.54 15.97 30.01
CA ASN A 185 -7.69 17.16 29.81
C ASN A 185 -8.46 18.15 28.94
N VAL A 186 -9.11 17.68 27.87
CA VAL A 186 -9.85 18.55 26.91
C VAL A 186 -11.03 19.15 27.66
N ALA A 187 -11.82 18.34 28.36
CA ALA A 187 -13.03 18.79 29.11
C ALA A 187 -12.63 19.84 30.15
N TYR A 188 -11.65 19.56 31.01
CA TYR A 188 -11.14 20.48 32.06
C TYR A 188 -10.96 21.88 31.48
N HIS A 189 -10.14 22.02 30.44
CA HIS A 189 -9.81 23.32 29.78
C HIS A 189 -11.05 23.90 29.12
N LEU A 190 -12.03 23.09 28.73
CA LEU A 190 -13.30 23.57 28.18
C LEU A 190 -14.07 24.25 29.30
N CYS A 191 -14.32 23.53 30.40
CA CYS A 191 -14.88 24.04 31.68
C CYS A 191 -14.22 25.38 32.02
N LYS A 192 -12.89 25.41 32.12
CA LYS A 192 -12.09 26.64 32.39
C LYS A 192 -12.72 27.83 31.66
N HIS A 193 -12.78 27.79 30.31
CA HIS A 193 -13.36 28.87 29.45
C HIS A 193 -14.82 29.12 29.83
N LEU A 194 -15.62 28.05 29.87
CA LEU A 194 -17.07 28.07 30.19
C LEU A 194 -17.30 28.76 31.55
N HIS A 195 -16.52 28.38 32.57
CA HIS A 195 -16.57 28.98 33.93
C HIS A 195 -16.30 30.48 33.81
N ALA A 196 -15.12 30.83 33.30
CA ALA A 196 -14.63 32.22 33.22
C ALA A 196 -15.43 33.04 32.19
N GLU A 197 -16.56 32.54 31.69
CA GLU A 197 -17.48 33.30 30.78
C GLU A 197 -18.89 33.31 31.38
N GLY A 198 -18.99 32.99 32.67
CA GLY A 198 -20.23 33.11 33.48
C GLY A 198 -21.23 32.02 33.15
N ALA A 199 -20.83 30.75 33.22
CA ALA A 199 -21.70 29.58 32.91
C ALA A 199 -21.56 28.55 34.03
N LYS A 200 -22.63 27.77 34.27
CA LYS A 200 -22.70 26.81 35.39
C LYS A 200 -22.59 25.39 34.84
N LEU A 201 -21.64 24.64 35.41
CA LEU A 201 -21.20 23.29 34.96
C LEU A 201 -21.79 22.21 35.85
N ILE A 202 -22.53 21.27 35.28
CA ILE A 202 -22.79 19.93 35.87
C ILE A 202 -21.85 18.94 35.17
N VAL A 203 -21.04 18.20 35.95
CA VAL A 203 -19.97 17.31 35.43
C VAL A 203 -20.23 15.87 35.89
N THR A 204 -19.37 14.96 35.46
CA THR A 204 -19.39 13.52 35.79
C THR A 204 -18.15 12.91 35.18
N ASP A 205 -17.66 11.81 35.77
CA ASP A 205 -16.50 11.04 35.24
C ASP A 205 -16.35 9.73 36.01
N ILE A 206 -15.65 8.78 35.38
CA ILE A 206 -15.35 7.43 35.92
C ILE A 206 -14.25 7.59 36.97
N ASN A 207 -13.54 8.71 36.94
CA ASN A 207 -12.61 9.19 38.00
C ASN A 207 -13.35 10.26 38.83
N LYS A 208 -13.37 10.12 40.16
CA LYS A 208 -14.09 11.04 41.09
C LYS A 208 -13.18 12.21 41.49
N GLU A 209 -11.92 11.92 41.82
CA GLU A 209 -10.79 12.88 42.01
C GLU A 209 -10.85 13.99 40.95
N ALA A 210 -11.10 13.63 39.69
CA ALA A 210 -11.15 14.56 38.52
C ALA A 210 -12.37 15.48 38.65
N VAL A 211 -13.51 14.94 39.06
CA VAL A 211 -14.78 15.67 39.29
C VAL A 211 -14.59 16.64 40.47
N GLN A 212 -13.78 16.27 41.48
CA GLN A 212 -13.51 17.11 42.66
C GLN A 212 -12.65 18.31 42.21
N ARG A 213 -11.67 18.06 41.33
CA ARG A 213 -10.86 19.14 40.69
C ARG A 213 -11.83 20.18 40.12
N ALA A 214 -12.88 19.71 39.42
CA ALA A 214 -13.87 20.55 38.69
C ALA A 214 -14.71 21.35 39.68
N VAL A 215 -15.40 20.67 40.61
CA VAL A 215 -16.24 21.35 41.63
C VAL A 215 -15.39 22.43 42.30
N GLU A 216 -14.26 22.02 42.88
CA GLU A 216 -13.30 22.90 43.61
C GLU A 216 -12.92 24.13 42.79
N GLU A 217 -12.69 24.00 41.48
CA GLU A 217 -12.13 25.08 40.63
C GLU A 217 -13.23 26.00 40.07
N PHE A 218 -14.41 25.46 39.75
CA PHE A 218 -15.45 26.14 38.92
C PHE A 218 -16.83 26.13 39.61
N GLY A 219 -16.89 25.92 40.93
CA GLY A 219 -18.13 25.84 41.73
C GLY A 219 -19.17 24.98 41.04
N ALA A 220 -18.78 23.77 40.62
CA ALA A 220 -19.57 22.90 39.72
C ALA A 220 -20.36 21.86 40.53
N SER A 221 -21.37 21.27 39.89
CA SER A 221 -22.25 20.20 40.42
C SER A 221 -21.76 18.85 39.87
N ALA A 222 -21.92 17.79 40.66
CA ALA A 222 -21.36 16.44 40.40
C ALA A 222 -22.50 15.42 40.34
N VAL A 223 -22.78 14.92 39.13
CA VAL A 223 -23.81 13.87 38.92
C VAL A 223 -23.10 12.56 38.54
N GLU A 224 -23.72 11.42 38.81
CA GLU A 224 -23.17 10.07 38.55
C GLU A 224 -23.08 9.86 37.03
N PRO A 225 -22.10 9.07 36.51
CA PRO A 225 -22.00 8.78 35.08
C PRO A 225 -23.33 8.52 34.36
N ASN A 226 -24.16 7.64 34.94
CA ASN A 226 -25.45 7.10 34.42
C ASN A 226 -26.50 8.20 34.22
N GLU A 227 -26.32 9.34 34.89
CA GLU A 227 -27.39 10.32 35.16
C GLU A 227 -27.20 11.59 34.31
N ILE A 228 -25.95 11.96 34.00
CA ILE A 228 -25.58 13.17 33.20
C ILE A 228 -26.64 13.49 32.13
N TYR A 229 -27.29 12.50 31.51
CA TYR A 229 -28.20 12.69 30.34
C TYR A 229 -29.50 13.40 30.76
N GLY A 230 -30.12 12.95 31.85
CA GLY A 230 -31.43 13.43 32.37
C GLY A 230 -31.37 14.71 33.20
N VAL A 231 -30.18 15.15 33.60
CA VAL A 231 -29.91 16.47 34.26
C VAL A 231 -30.63 17.60 33.51
N GLU A 232 -31.43 18.39 34.22
CA GLU A 232 -31.99 19.68 33.72
C GLU A 232 -30.81 20.60 33.37
N CYS A 233 -30.62 20.92 32.10
CA CYS A 233 -29.59 21.89 31.66
C CYS A 233 -29.92 22.44 30.28
N ASP A 234 -29.03 23.28 29.72
CA ASP A 234 -29.23 23.98 28.43
C ASP A 234 -28.36 23.36 27.33
N ILE A 235 -27.18 22.86 27.70
CA ILE A 235 -26.16 22.34 26.73
C ILE A 235 -25.57 21.05 27.30
N TYR A 236 -25.56 20.00 26.46
CA TYR A 236 -24.91 18.69 26.70
C TYR A 236 -23.57 18.63 25.93
N ALA A 237 -22.47 18.53 26.66
CA ALA A 237 -21.11 18.46 26.10
C ALA A 237 -20.54 17.07 26.33
N PRO A 238 -20.68 16.12 25.37
CA PRO A 238 -20.05 14.81 25.50
C PRO A 238 -18.55 15.00 25.25
N CYS A 239 -17.74 14.77 26.29
CA CYS A 239 -16.27 14.94 26.30
C CYS A 239 -15.68 13.67 26.94
N ALA A 240 -16.32 12.54 26.64
CA ALA A 240 -15.92 11.19 27.10
C ALA A 240 -15.87 10.28 25.88
N LEU A 241 -16.85 9.40 25.75
CA LEU A 241 -16.89 8.32 24.73
C LEU A 241 -17.91 8.73 23.67
N GLY A 242 -17.92 7.97 22.56
CA GLY A 242 -18.90 8.12 21.47
C GLY A 242 -20.09 7.23 21.72
N ALA A 243 -21.00 7.15 20.74
CA ALA A 243 -22.29 6.42 20.81
C ALA A 243 -23.04 6.82 22.09
N THR A 244 -22.83 8.05 22.55
CA THR A 244 -23.43 8.68 23.76
C THR A 244 -24.74 9.34 23.36
N VAL A 245 -25.09 9.30 22.08
CA VAL A 245 -26.33 9.89 21.51
C VAL A 245 -27.06 8.78 20.75
N ASN A 246 -27.84 8.00 21.50
CA ASN A 246 -28.51 6.74 21.06
C ASN A 246 -29.97 6.78 21.51
N ASP A 247 -30.74 5.74 21.20
CA ASP A 247 -32.20 5.66 21.51
C ASP A 247 -32.41 5.65 23.03
N GLU A 248 -31.35 5.35 23.80
CA GLU A 248 -31.35 5.35 25.29
C GLU A 248 -31.20 6.78 25.82
N THR A 249 -30.29 7.56 25.26
CA THR A 249 -29.86 8.86 25.85
C THR A 249 -30.70 10.03 25.29
N ILE A 250 -31.20 9.93 24.06
CA ILE A 250 -31.80 11.07 23.33
C ILE A 250 -33.15 11.47 23.95
N PRO A 251 -34.04 10.51 24.32
CA PRO A 251 -35.29 10.88 24.98
C PRO A 251 -35.07 11.36 26.42
N GLN A 252 -33.98 10.91 27.06
CA GLN A 252 -33.52 11.34 28.41
C GLN A 252 -33.08 12.81 28.43
N LEU A 253 -32.82 13.40 27.26
CA LEU A 253 -31.97 14.61 27.12
C LEU A 253 -32.78 15.87 27.39
N LYS A 254 -32.34 16.73 28.30
CA LYS A 254 -33.07 17.98 28.61
C LYS A 254 -32.52 19.13 27.76
N ALA A 255 -31.20 19.23 27.61
CA ALA A 255 -30.51 20.31 26.85
C ALA A 255 -31.10 20.41 25.44
N LYS A 256 -31.05 21.61 24.86
CA LYS A 256 -31.50 21.94 23.48
C LYS A 256 -30.30 22.14 22.56
N VAL A 257 -29.09 21.90 23.07
CA VAL A 257 -27.81 21.98 22.30
C VAL A 257 -26.91 20.83 22.76
N ILE A 258 -26.46 20.00 21.82
CA ILE A 258 -25.34 19.05 22.02
C ILE A 258 -24.10 19.68 21.38
N ALA A 259 -22.95 19.57 22.03
CA ALA A 259 -21.68 20.18 21.59
C ALA A 259 -20.54 19.72 22.51
N GLY A 260 -19.78 18.73 22.04
CA GLY A 260 -18.69 18.12 22.83
C GLY A 260 -17.41 17.94 22.03
N SER A 261 -16.40 17.35 22.69
CA SER A 261 -15.06 17.02 22.14
C SER A 261 -15.03 15.57 21.64
N ALA A 262 -15.96 14.73 22.07
CA ALA A 262 -15.98 13.26 21.81
C ALA A 262 -16.24 12.99 20.33
N ASN A 263 -15.70 11.90 19.80
CA ASN A 263 -15.88 11.49 18.38
C ASN A 263 -16.99 10.44 18.26
N ASN A 264 -17.79 10.51 17.19
CA ASN A 264 -18.93 9.59 16.91
C ASN A 264 -19.95 9.70 18.03
N GLN A 265 -20.26 10.94 18.41
CA GLN A 265 -21.29 11.28 19.43
C GLN A 265 -22.55 10.49 19.05
N LEU A 266 -22.94 10.46 17.75
CA LEU A 266 -24.13 9.74 17.22
C LEU A 266 -23.81 8.24 17.06
N LYS A 267 -24.66 7.37 17.62
CA LYS A 267 -24.43 5.90 17.65
C LYS A 267 -24.73 5.30 16.27
N GLU A 268 -25.78 5.77 15.60
CA GLU A 268 -26.07 5.47 14.16
C GLU A 268 -26.38 6.82 13.49
N ASN A 269 -26.47 6.85 12.15
CA ASN A 269 -26.74 8.11 11.39
C ASN A 269 -28.20 8.51 11.63
N ARG A 270 -29.12 7.55 11.83
CA ARG A 270 -30.57 7.84 12.03
C ARG A 270 -30.81 8.53 13.39
N HIS A 271 -29.82 8.60 14.29
CA HIS A 271 -29.93 9.30 15.60
C HIS A 271 -29.94 10.83 15.39
N GLY A 272 -28.97 11.37 14.64
CA GLY A 272 -28.90 12.81 14.34
C GLY A 272 -30.16 13.32 13.68
N ASP A 273 -30.83 12.47 12.89
CA ASP A 273 -32.05 12.80 12.10
C ASP A 273 -33.19 13.21 13.05
N ILE A 274 -33.38 12.48 14.17
CA ILE A 274 -34.54 12.65 15.13
C ILE A 274 -34.28 13.84 16.07
N ILE A 275 -33.03 14.02 16.50
CA ILE A 275 -32.51 15.22 17.23
C ILE A 275 -32.91 16.49 16.49
N HIS A 276 -32.67 16.57 15.17
CA HIS A 276 -33.07 17.70 14.29
C HIS A 276 -34.58 17.95 14.47
N GLU A 277 -35.39 16.92 14.25
CA GLU A 277 -36.88 16.98 14.31
C GLU A 277 -37.34 17.21 15.77
N MET A 278 -36.45 17.05 16.75
CA MET A 278 -36.76 17.20 18.21
C MET A 278 -36.48 18.63 18.72
N GLY A 279 -36.01 19.56 17.89
CA GLY A 279 -35.64 20.92 18.31
C GLY A 279 -34.27 21.00 18.99
N ILE A 280 -33.58 19.88 19.18
CA ILE A 280 -32.17 19.86 19.68
C ILE A 280 -31.24 20.28 18.54
N VAL A 281 -30.23 21.11 18.86
CA VAL A 281 -29.22 21.68 17.91
C VAL A 281 -27.89 20.98 18.14
N TYR A 282 -27.53 20.07 17.23
CA TYR A 282 -26.31 19.22 17.27
C TYR A 282 -25.20 19.92 16.51
N ALA A 283 -24.16 20.32 17.25
CA ALA A 283 -22.83 20.68 16.74
C ALA A 283 -22.11 19.39 16.40
N PRO A 284 -21.94 19.08 15.09
CA PRO A 284 -21.46 17.77 14.67
C PRO A 284 -20.02 17.49 15.14
N ASP A 285 -19.79 16.27 15.64
CA ASP A 285 -18.52 15.86 16.31
C ASP A 285 -17.31 16.46 15.57
N TYR A 286 -17.07 16.02 14.33
CA TYR A 286 -15.79 16.19 13.59
C TYR A 286 -15.60 17.63 13.09
N VAL A 287 -16.57 18.52 13.31
CA VAL A 287 -16.41 19.96 12.94
C VAL A 287 -15.82 20.70 14.16
N ILE A 288 -16.20 20.30 15.39
CA ILE A 288 -15.86 21.03 16.65
C ILE A 288 -14.48 20.64 17.21
N ASN A 289 -14.21 19.33 17.36
CA ASN A 289 -12.94 18.81 17.97
C ASN A 289 -11.80 18.93 16.95
N ALA A 290 -12.10 19.53 15.79
CA ALA A 290 -11.16 19.89 14.69
C ALA A 290 -9.95 20.64 15.25
N GLY A 291 -10.08 21.24 16.43
CA GLY A 291 -9.01 22.01 17.10
C GLY A 291 -7.70 21.27 17.09
N GLY A 292 -7.70 20.01 17.54
CA GLY A 292 -6.50 19.17 17.70
C GLY A 292 -5.75 18.98 16.38
N VAL A 293 -6.48 18.67 15.31
CA VAL A 293 -5.90 18.51 13.95
C VAL A 293 -5.43 19.88 13.48
N ILE A 294 -6.34 20.86 13.43
CA ILE A 294 -6.00 22.25 13.00
C ILE A 294 -4.69 22.67 13.65
N ASN A 295 -4.41 22.19 14.86
CA ASN A 295 -3.20 22.59 15.62
C ASN A 295 -1.96 21.94 15.01
N VAL A 296 -1.91 20.60 14.98
CA VAL A 296 -0.75 19.82 14.46
C VAL A 296 -0.58 20.14 12.97
N ALA A 297 -1.68 20.49 12.30
CA ALA A 297 -1.73 20.91 10.88
C ALA A 297 -0.98 22.23 10.70
N ASP A 298 -1.13 23.14 11.65
CA ASP A 298 -0.44 24.45 11.64
C ASP A 298 1.04 24.26 12.00
N GLU A 299 1.38 23.16 12.68
CA GLU A 299 2.78 22.78 13.00
C GLU A 299 3.59 22.67 11.71
N LEU A 300 2.97 22.18 10.63
CA LEU A 300 3.66 21.87 9.35
C LEU A 300 4.04 23.18 8.63
N TYR A 301 3.09 24.13 8.52
CA TYR A 301 3.36 25.48 7.96
C TYR A 301 4.57 26.06 8.72
N GLY A 302 4.75 25.63 9.98
CA GLY A 302 5.72 26.17 10.96
C GLY A 302 4.97 26.85 12.08
N TYR A 303 5.02 26.35 13.32
CA TYR A 303 3.98 26.65 14.35
C TYR A 303 3.91 28.17 14.56
N ASN A 304 2.69 28.72 14.57
CA ASN A 304 2.38 30.14 14.88
C ASN A 304 1.16 30.19 15.80
N ARG A 305 1.37 30.42 17.10
CA ARG A 305 0.28 30.33 18.13
C ARG A 305 -0.95 31.13 17.67
N GLU A 306 -0.77 32.36 17.20
CA GLU A 306 -1.88 33.31 16.88
C GLU A 306 -2.70 32.77 15.69
N ARG A 307 -2.07 32.61 14.51
CA ARG A 307 -2.75 32.13 13.26
C ARG A 307 -3.41 30.76 13.51
N ALA A 308 -2.80 29.92 14.37
CA ALA A 308 -3.31 28.56 14.71
C ALA A 308 -4.68 28.72 15.35
N LEU A 309 -4.72 29.49 16.44
CA LEU A 309 -5.92 29.75 17.26
C LEU A 309 -6.97 30.51 16.44
N LYS A 310 -6.55 31.32 15.46
CA LYS A 310 -7.51 32.05 14.58
C LYS A 310 -8.22 31.07 13.65
N ARG A 311 -7.54 30.01 13.17
CA ARG A 311 -8.20 29.00 12.30
C ARG A 311 -9.19 28.22 13.18
N VAL A 312 -8.86 28.05 14.47
CA VAL A 312 -9.70 27.32 15.48
C VAL A 312 -10.91 28.20 15.84
N GLU A 313 -10.64 29.44 16.23
CA GLU A 313 -11.63 30.55 16.38
C GLU A 313 -12.76 30.39 15.37
N SER A 314 -12.42 30.01 14.13
CA SER A 314 -13.34 30.00 12.98
C SER A 314 -14.32 28.81 13.05
N ILE A 315 -14.06 27.83 13.93
CA ILE A 315 -14.98 26.68 14.17
C ILE A 315 -16.37 27.27 14.43
N TYR A 316 -16.45 28.41 15.14
CA TYR A 316 -17.70 29.17 15.32
C TYR A 316 -18.38 29.25 13.95
N ASP A 317 -17.74 29.92 12.99
CA ASP A 317 -18.33 30.25 11.67
C ASP A 317 -18.63 28.97 10.90
N THR A 318 -17.82 27.91 11.09
CA THR A 318 -18.06 26.59 10.41
C THR A 318 -19.40 26.04 10.91
N ILE A 319 -19.60 25.95 12.24
CA ILE A 319 -20.85 25.44 12.86
C ILE A 319 -22.01 26.30 12.38
N ALA A 320 -21.84 27.62 12.44
CA ALA A 320 -22.82 28.65 12.01
C ALA A 320 -23.34 28.33 10.61
N LYS A 321 -22.44 27.99 9.66
CA LYS A 321 -22.78 27.62 8.25
C LYS A 321 -23.50 26.27 8.23
N VAL A 322 -23.00 25.30 9.00
CA VAL A 322 -23.59 23.94 9.11
C VAL A 322 -25.03 24.05 9.62
N ILE A 323 -25.23 24.87 10.66
CA ILE A 323 -26.54 25.25 11.25
C ILE A 323 -27.45 25.86 10.17
N GLU A 324 -26.94 26.88 9.49
CA GLU A 324 -27.64 27.58 8.37
C GLU A 324 -28.12 26.53 7.36
N ILE A 325 -27.20 25.75 6.79
CA ILE A 325 -27.49 24.78 5.69
C ILE A 325 -28.53 23.78 6.19
N SER A 326 -28.44 23.36 7.45
CA SER A 326 -29.40 22.42 8.08
C SER A 326 -30.83 22.98 8.02
N LYS A 327 -30.99 24.30 8.00
CA LYS A 327 -32.31 24.98 7.80
C LYS A 327 -32.59 25.18 6.30
N ARG A 328 -31.68 25.86 5.57
CA ARG A 328 -31.79 26.20 4.12
C ARG A 328 -32.15 24.96 3.29
N ASP A 329 -31.86 23.74 3.79
CA ASP A 329 -32.06 22.43 3.08
C ASP A 329 -32.84 21.42 3.93
N GLY A 330 -33.29 21.76 5.14
CA GLY A 330 -34.04 20.85 6.04
C GLY A 330 -33.43 19.47 6.12
N ILE A 331 -32.23 19.35 6.70
CA ILE A 331 -31.41 18.09 6.87
C ILE A 331 -30.59 18.22 8.17
N ALA A 332 -30.30 17.13 8.88
CA ALA A 332 -29.59 17.13 10.19
C ALA A 332 -28.23 17.82 10.01
N THR A 333 -27.68 18.43 11.07
CA THR A 333 -26.42 19.22 10.99
C THR A 333 -25.24 18.36 10.51
N TYR A 334 -25.21 17.06 10.84
CA TYR A 334 -24.09 16.17 10.44
C TYR A 334 -24.12 15.96 8.91
N VAL A 335 -25.29 16.04 8.30
CA VAL A 335 -25.42 15.95 6.83
C VAL A 335 -24.91 17.25 6.19
N ALA A 336 -25.36 18.41 6.66
CA ALA A 336 -24.92 19.73 6.15
C ALA A 336 -23.39 19.82 6.20
N ALA A 337 -22.79 19.21 7.24
CA ALA A 337 -21.34 19.18 7.48
C ALA A 337 -20.68 18.36 6.39
N ASP A 338 -21.19 17.15 6.15
CA ASP A 338 -20.72 16.24 5.07
C ASP A 338 -20.82 17.01 3.74
N ARG A 339 -21.95 17.67 3.46
CA ARG A 339 -22.13 18.42 2.20
C ARG A 339 -21.23 19.65 2.16
N LEU A 340 -20.90 20.22 3.33
CA LEU A 340 -20.03 21.43 3.40
C LEU A 340 -18.62 21.05 2.95
N ALA A 341 -18.09 19.95 3.52
CA ALA A 341 -16.77 19.36 3.22
C ALA A 341 -16.73 18.98 1.74
N GLU A 342 -17.68 18.15 1.31
CA GLU A 342 -17.82 17.74 -0.11
C GLU A 342 -17.75 18.97 -1.02
N GLU A 343 -18.65 19.94 -0.84
CA GLU A 343 -18.75 21.17 -1.69
C GLU A 343 -17.38 21.87 -1.72
N ARG A 344 -16.61 21.84 -0.62
CA ARG A 344 -15.28 22.51 -0.52
C ARG A 344 -14.27 21.77 -1.39
N ILE A 345 -14.02 20.50 -1.07
CA ILE A 345 -13.15 19.57 -1.84
C ILE A 345 -13.40 19.82 -3.33
N ALA A 346 -14.65 19.67 -3.74
CA ALA A 346 -15.12 19.81 -5.14
C ALA A 346 -14.73 21.19 -5.70
N SER A 347 -15.12 22.27 -5.03
CA SER A 347 -15.01 23.65 -5.58
C SER A 347 -13.54 24.01 -5.82
N LEU A 348 -12.66 23.57 -4.90
CA LEU A 348 -11.20 23.82 -5.00
C LEU A 348 -10.62 23.01 -6.17
N LYS A 349 -11.02 21.73 -6.26
CA LYS A 349 -10.60 20.77 -7.33
C LYS A 349 -10.73 21.48 -8.68
N ASN A 350 -11.82 22.22 -8.88
CA ASN A 350 -12.05 23.02 -10.10
C ASN A 350 -11.12 24.24 -10.12
N SER A 351 -11.23 25.13 -9.11
CA SER A 351 -10.62 26.49 -9.12
C SER A 351 -9.10 26.40 -9.22
N ARG A 352 -8.51 25.25 -8.84
CA ARG A 352 -7.05 25.00 -8.79
C ARG A 352 -6.56 24.05 -9.89
N SER A 353 -7.42 23.67 -10.85
CA SER A 353 -7.04 22.74 -11.95
C SER A 353 -6.28 23.50 -13.03
N THR A 354 -6.08 24.83 -12.89
CA THR A 354 -5.13 25.63 -13.71
C THR A 354 -3.70 25.11 -13.53
N TYR A 355 -2.93 25.05 -14.64
CA TYR A 355 -1.53 24.55 -14.66
C TYR A 355 -0.58 25.61 -14.10
N LEU A 356 0.42 25.12 -13.37
CA LEU A 356 1.56 25.91 -12.87
C LEU A 356 2.73 24.95 -12.81
N ARG A 357 3.94 25.37 -13.14
CA ARG A 357 5.04 24.38 -13.08
C ARG A 357 5.69 24.43 -11.70
N ASN A 358 5.32 25.41 -10.86
CA ASN A 358 5.90 25.72 -9.51
C ASN A 358 4.77 25.88 -8.50
N GLY A 359 3.68 25.11 -8.64
CA GLY A 359 2.52 25.15 -7.72
C GLY A 359 2.94 24.97 -6.28
N HIS A 360 2.18 25.56 -5.34
CA HIS A 360 2.49 25.58 -3.86
C HIS A 360 1.56 24.64 -3.09
N ASP A 361 2.09 24.06 -2.00
CA ASP A 361 1.38 23.15 -1.07
C ASP A 361 2.06 23.22 0.32
N ILE A 362 1.38 22.72 1.35
CA ILE A 362 1.84 22.67 2.78
C ILE A 362 3.25 22.06 2.89
N ILE A 363 3.64 21.19 1.95
CA ILE A 363 4.96 20.48 1.91
C ILE A 363 6.07 21.41 1.40
N SER A 364 5.74 22.43 0.58
CA SER A 364 6.67 23.51 0.17
C SER A 364 6.54 24.67 1.18
N ARG A 365 7.22 24.55 2.33
CA ARG A 365 7.15 25.48 3.49
C ARG A 365 8.51 26.16 3.65
N LEU B 3 -8.66 -12.98 4.20
CA LEU B 3 -7.33 -13.69 4.26
C LEU B 3 -6.46 -13.06 5.36
N GLU B 4 -5.57 -13.87 5.98
CA GLU B 4 -4.58 -13.47 7.03
C GLU B 4 -3.27 -12.96 6.39
N ILE B 5 -3.40 -11.89 5.58
CA ILE B 5 -2.31 -11.23 4.80
C ILE B 5 -1.04 -11.13 5.66
N PHE B 6 -1.08 -10.36 6.76
CA PHE B 6 0.09 -10.06 7.61
C PHE B 6 0.84 -11.36 8.01
N GLU B 7 0.12 -12.45 8.28
CA GLU B 7 0.75 -13.73 8.71
C GLU B 7 1.64 -14.23 7.57
N TYR B 8 1.14 -14.17 6.35
CA TYR B 8 1.84 -14.54 5.10
C TYR B 8 3.01 -13.57 4.86
N LEU B 9 2.76 -12.26 5.02
CA LEU B 9 3.80 -11.20 4.86
C LEU B 9 4.95 -11.47 5.82
N GLU B 10 4.64 -11.77 7.09
CA GLU B 10 5.68 -11.95 8.13
C GLU B 10 6.44 -13.25 7.83
N LYS B 11 5.75 -14.25 7.28
CA LYS B 11 6.34 -15.59 6.98
C LYS B 11 7.59 -15.41 6.11
N TYR B 12 7.44 -14.88 4.89
CA TYR B 12 8.57 -14.70 3.94
C TYR B 12 9.07 -13.25 4.00
N ASP B 13 8.74 -12.53 5.08
CA ASP B 13 9.23 -11.16 5.41
C ASP B 13 9.09 -10.25 4.17
N TYR B 14 7.85 -10.17 3.63
CA TYR B 14 7.44 -9.18 2.60
C TYR B 14 7.55 -7.77 3.21
N GLU B 15 7.61 -6.74 2.38
CA GLU B 15 7.77 -5.34 2.83
C GLU B 15 6.40 -4.66 2.77
N GLN B 16 5.78 -4.60 1.61
CA GLN B 16 4.57 -3.78 1.41
C GLN B 16 3.62 -4.55 0.49
N VAL B 17 2.31 -4.46 0.71
CA VAL B 17 1.28 -4.78 -0.33
C VAL B 17 0.44 -3.51 -0.52
N VAL B 18 0.48 -2.90 -1.69
CA VAL B 18 -0.06 -1.54 -1.92
C VAL B 18 -1.31 -1.63 -2.82
N PHE B 19 -2.49 -1.68 -2.23
CA PHE B 19 -3.78 -1.62 -2.96
C PHE B 19 -3.96 -0.20 -3.50
N CYS B 20 -4.18 -0.08 -4.80
CA CYS B 20 -4.42 1.20 -5.50
C CYS B 20 -5.78 1.12 -6.19
N GLN B 21 -6.55 2.21 -6.16
CA GLN B 21 -7.94 2.28 -6.72
C GLN B 21 -8.16 3.66 -7.32
N ASP B 22 -8.72 3.76 -8.52
CA ASP B 22 -9.17 5.05 -9.11
C ASP B 22 -10.50 4.83 -9.83
N LYS B 23 -11.60 5.29 -9.23
CA LYS B 23 -12.98 4.96 -9.64
C LYS B 23 -13.24 5.42 -11.07
N GLU B 24 -12.74 6.60 -11.45
CA GLU B 24 -13.00 7.14 -12.83
C GLU B 24 -12.58 6.07 -13.83
N SER B 25 -11.33 5.59 -13.75
CA SER B 25 -10.82 4.50 -14.62
C SER B 25 -11.45 3.16 -14.21
N GLY B 26 -11.45 2.84 -12.91
CA GLY B 26 -11.87 1.52 -12.41
C GLY B 26 -10.67 0.71 -11.97
N LEU B 27 -9.47 1.27 -12.14
CA LEU B 27 -8.19 0.62 -11.76
C LEU B 27 -8.37 -0.05 -10.40
N LYS B 28 -8.03 -1.33 -10.33
CA LYS B 28 -7.88 -2.08 -9.07
C LYS B 28 -6.55 -2.83 -9.14
N ALA B 29 -5.45 -2.22 -8.70
CA ALA B 29 -4.08 -2.77 -8.80
C ALA B 29 -3.54 -3.13 -7.42
N ILE B 30 -2.93 -4.32 -7.30
CA ILE B 30 -2.14 -4.70 -6.10
C ILE B 30 -0.67 -4.64 -6.48
N ILE B 31 0.07 -3.64 -6.00
CA ILE B 31 1.55 -3.62 -6.08
C ILE B 31 2.04 -4.32 -4.82
N ALA B 32 2.69 -5.47 -4.95
CA ALA B 32 3.27 -6.23 -3.82
C ALA B 32 4.79 -6.12 -3.93
N ILE B 33 5.44 -5.76 -2.83
CA ILE B 33 6.90 -5.53 -2.77
C ILE B 33 7.47 -6.53 -1.74
N HIS B 34 8.23 -7.53 -2.18
CA HIS B 34 8.73 -8.61 -1.28
C HIS B 34 9.99 -8.13 -0.56
N ASP B 35 11.00 -7.73 -1.32
CA ASP B 35 12.30 -7.30 -0.74
C ASP B 35 12.81 -6.10 -1.54
N THR B 36 13.53 -5.18 -0.88
CA THR B 36 14.24 -4.06 -1.56
C THR B 36 15.67 -3.95 -1.00
N THR B 37 16.25 -5.07 -0.55
CA THR B 37 17.58 -5.06 0.13
C THR B 37 18.64 -4.64 -0.88
N LEU B 38 18.53 -5.11 -2.11
CA LEU B 38 19.56 -4.86 -3.16
C LEU B 38 19.35 -3.51 -3.83
N GLY B 39 18.16 -2.91 -3.64
CA GLY B 39 17.74 -1.69 -4.38
C GLY B 39 16.23 -1.62 -4.60
N PRO B 40 15.79 -0.74 -5.53
CA PRO B 40 14.38 -0.67 -5.92
C PRO B 40 13.87 -2.05 -6.37
N ALA B 41 12.65 -2.40 -5.99
CA ALA B 41 11.98 -3.62 -6.51
C ALA B 41 11.60 -3.36 -7.96
N LEU B 42 11.89 -4.33 -8.83
CA LEU B 42 11.45 -4.34 -10.24
C LEU B 42 10.57 -5.57 -10.49
N GLY B 43 9.58 -5.43 -11.38
CA GLY B 43 8.49 -6.41 -11.58
C GLY B 43 7.40 -5.82 -12.45
N GLY B 44 6.91 -6.59 -13.40
CA GLY B 44 5.98 -6.08 -14.43
C GLY B 44 4.60 -5.92 -13.87
N THR B 45 3.72 -5.28 -14.63
CA THR B 45 2.28 -5.15 -14.30
C THR B 45 1.54 -6.20 -15.12
N ARG B 46 1.08 -7.24 -14.44
CA ARG B 46 0.21 -8.29 -15.00
C ARG B 46 -1.24 -7.81 -14.94
N MET B 47 -1.99 -7.86 -16.03
CA MET B 47 -3.43 -7.52 -16.02
C MET B 47 -4.23 -8.73 -16.52
N TRP B 48 -4.80 -9.45 -15.57
CA TRP B 48 -5.60 -10.67 -15.85
C TRP B 48 -6.89 -10.59 -15.03
N THR B 49 -7.94 -11.24 -15.52
CA THR B 49 -9.24 -11.44 -14.84
C THR B 49 -9.00 -12.53 -13.78
N TYR B 50 -9.60 -12.43 -12.59
CA TYR B 50 -9.37 -13.39 -11.49
C TYR B 50 -10.71 -13.88 -10.90
N ASP B 51 -10.71 -15.17 -10.58
CA ASP B 51 -11.83 -15.92 -9.93
C ASP B 51 -12.40 -15.08 -8.78
N SER B 52 -11.54 -14.43 -8.01
CA SER B 52 -11.87 -13.74 -6.74
C SER B 52 -10.72 -12.81 -6.36
N GLU B 53 -11.01 -11.76 -5.61
CA GLU B 53 -10.01 -10.77 -5.17
C GLU B 53 -8.86 -11.48 -4.43
N GLU B 54 -9.17 -12.48 -3.60
CA GLU B 54 -8.17 -13.22 -2.78
C GLU B 54 -7.09 -13.81 -3.71
N ALA B 55 -7.51 -14.41 -4.83
CA ALA B 55 -6.62 -15.02 -5.85
C ALA B 55 -5.65 -13.96 -6.40
N ALA B 56 -6.17 -12.80 -6.79
CA ALA B 56 -5.37 -11.66 -7.31
C ALA B 56 -4.31 -11.24 -6.29
N ILE B 57 -4.60 -11.32 -4.99
CA ILE B 57 -3.63 -10.92 -3.92
C ILE B 57 -2.55 -11.99 -3.83
N GLU B 58 -2.95 -13.27 -3.72
CA GLU B 58 -2.03 -14.43 -3.67
C GLU B 58 -1.09 -14.39 -4.88
N ASP B 59 -1.60 -14.03 -6.06
CA ASP B 59 -0.80 -13.97 -7.31
C ASP B 59 0.29 -12.91 -7.13
N ALA B 60 -0.11 -11.65 -6.93
CA ALA B 60 0.80 -10.52 -6.70
C ALA B 60 1.95 -10.95 -5.79
N LEU B 61 1.63 -11.60 -4.67
CA LEU B 61 2.63 -11.99 -3.63
C LEU B 61 3.56 -13.06 -4.20
N ARG B 62 2.98 -14.15 -4.68
CA ARG B 62 3.69 -15.28 -5.37
C ARG B 62 4.75 -14.67 -6.29
N LEU B 63 4.30 -13.89 -7.28
CA LEU B 63 5.12 -13.36 -8.40
C LEU B 63 6.21 -12.44 -7.86
N ALA B 64 5.88 -11.61 -6.88
CA ALA B 64 6.79 -10.57 -6.33
C ALA B 64 7.97 -11.27 -5.66
N LYS B 65 7.68 -12.24 -4.79
CA LYS B 65 8.70 -13.09 -4.11
C LYS B 65 9.55 -13.75 -5.20
N GLY B 66 8.91 -14.16 -6.29
CA GLY B 66 9.60 -14.62 -7.51
C GLY B 66 10.68 -13.64 -7.94
N MET B 67 10.30 -12.42 -8.28
CA MET B 67 11.22 -11.42 -8.87
C MET B 67 12.43 -11.18 -7.95
N THR B 68 12.24 -11.27 -6.62
CA THR B 68 13.30 -11.03 -5.61
C THR B 68 14.48 -11.95 -5.96
N TYR B 69 14.15 -13.20 -6.28
CA TYR B 69 15.08 -14.32 -6.57
C TYR B 69 15.63 -14.22 -7.99
N LYS B 70 14.76 -13.97 -8.98
CA LYS B 70 15.19 -13.72 -10.38
C LYS B 70 16.25 -12.60 -10.35
N ASN B 71 15.87 -11.40 -9.95
CA ASN B 71 16.76 -10.22 -9.99
C ASN B 71 18.04 -10.54 -9.21
N ALA B 72 17.93 -11.23 -8.07
CA ALA B 72 19.09 -11.55 -7.21
C ALA B 72 20.11 -12.33 -8.02
N ALA B 73 19.71 -13.52 -8.50
CA ALA B 73 20.56 -14.52 -9.17
C ALA B 73 21.10 -13.97 -10.49
N ALA B 74 20.24 -13.23 -11.21
CA ALA B 74 20.53 -12.55 -12.48
C ALA B 74 21.57 -11.42 -12.31
N GLY B 75 22.02 -11.21 -11.06
CA GLY B 75 23.10 -10.27 -10.71
C GLY B 75 22.67 -8.82 -10.87
N LEU B 76 21.39 -8.54 -10.68
CA LEU B 76 20.81 -7.18 -10.79
C LEU B 76 20.87 -6.55 -9.41
N ASN B 77 20.76 -5.22 -9.35
CA ASN B 77 20.72 -4.47 -8.07
C ASN B 77 19.28 -4.02 -7.84
N LEU B 78 18.40 -4.98 -7.63
CA LEU B 78 16.94 -4.80 -7.68
C LEU B 78 16.31 -5.86 -6.79
N GLY B 79 15.26 -5.48 -6.08
CA GLY B 79 14.49 -6.43 -5.26
C GLY B 79 13.29 -6.91 -6.04
N GLY B 80 12.42 -7.66 -5.37
CA GLY B 80 11.25 -8.33 -5.98
C GLY B 80 9.96 -7.60 -5.68
N ALA B 81 9.24 -7.28 -6.75
CA ALA B 81 7.86 -6.77 -6.68
C ALA B 81 7.12 -7.20 -7.95
N LYS B 82 5.82 -6.98 -7.96
CA LYS B 82 4.95 -7.26 -9.12
C LYS B 82 3.65 -6.52 -8.85
N THR B 83 3.07 -5.89 -9.87
CA THR B 83 1.69 -5.36 -9.82
C THR B 83 0.76 -6.37 -10.50
N VAL B 84 -0.41 -6.61 -9.92
CA VAL B 84 -1.53 -7.32 -10.60
C VAL B 84 -2.70 -6.33 -10.71
N ILE B 85 -3.03 -5.84 -11.91
CA ILE B 85 -4.33 -5.16 -12.18
C ILE B 85 -5.39 -6.26 -12.23
N ILE B 86 -6.59 -6.00 -11.70
CA ILE B 86 -7.76 -6.91 -11.84
C ILE B 86 -8.61 -6.38 -12.98
N GLY B 87 -8.70 -7.14 -14.06
CA GLY B 87 -9.55 -6.81 -15.23
C GLY B 87 -9.26 -7.68 -16.44
N ASP B 88 -9.95 -7.40 -17.55
CA ASP B 88 -9.91 -8.14 -18.84
C ASP B 88 -9.20 -7.27 -19.86
N PRO B 89 -7.86 -7.43 -20.06
CA PRO B 89 -7.07 -6.49 -20.85
C PRO B 89 -7.74 -6.08 -22.17
N ARG B 90 -8.43 -7.04 -22.78
CA ARG B 90 -9.08 -6.83 -24.09
C ARG B 90 -10.23 -5.83 -23.95
N LYS B 91 -10.77 -5.58 -22.75
CA LYS B 91 -12.01 -4.77 -22.58
C LYS B 91 -11.82 -3.55 -21.64
N ASP B 92 -11.07 -3.68 -20.54
CA ASP B 92 -11.19 -2.80 -19.36
C ASP B 92 -10.06 -1.75 -19.28
N LYS B 93 -9.29 -1.52 -20.34
CA LYS B 93 -8.15 -0.58 -20.28
C LYS B 93 -8.61 0.82 -20.68
N SER B 94 -7.93 1.87 -20.23
CA SER B 94 -8.17 3.29 -20.58
C SER B 94 -6.88 4.08 -20.36
N GLU B 95 -6.75 5.26 -20.96
CA GLU B 95 -5.58 6.15 -20.71
C GLU B 95 -5.53 6.40 -19.20
N ALA B 96 -6.66 6.86 -18.66
CA ALA B 96 -6.90 7.12 -17.23
C ALA B 96 -6.25 6.01 -16.40
N MET B 97 -6.64 4.77 -16.62
CA MET B 97 -6.25 3.61 -15.77
C MET B 97 -4.73 3.54 -15.65
N PHE B 98 -3.98 3.95 -16.69
CA PHE B 98 -2.50 3.84 -16.70
C PHE B 98 -1.89 5.14 -16.19
N ARG B 99 -2.53 6.28 -16.42
CA ARG B 99 -2.13 7.57 -15.77
C ARG B 99 -2.34 7.43 -14.26
N ALA B 100 -3.50 6.92 -13.87
CA ALA B 100 -3.85 6.59 -12.47
C ALA B 100 -2.67 5.85 -11.81
N LEU B 101 -2.36 4.64 -12.32
CA LEU B 101 -1.35 3.71 -11.74
C LEU B 101 0.03 4.38 -11.77
N GLY B 102 0.30 5.09 -12.86
CA GLY B 102 1.55 5.87 -13.01
C GLY B 102 1.79 6.74 -11.80
N ARG B 103 0.77 7.48 -11.38
CA ARG B 103 0.88 8.46 -10.26
C ARG B 103 1.15 7.68 -8.97
N TYR B 104 0.44 6.57 -8.75
CA TYR B 104 0.61 5.72 -7.55
C TYR B 104 2.05 5.22 -7.48
N ILE B 105 2.65 4.87 -8.63
CA ILE B 105 4.06 4.36 -8.72
C ILE B 105 5.03 5.50 -8.34
N GLN B 106 4.74 6.71 -8.80
CA GLN B 106 5.53 7.94 -8.53
C GLN B 106 5.42 8.27 -7.03
N GLY B 107 4.27 7.91 -6.43
CA GLY B 107 3.98 8.04 -4.99
C GLY B 107 4.35 6.75 -4.29
N LEU B 108 5.46 6.16 -4.73
CA LEU B 108 6.31 5.19 -4.00
C LEU B 108 7.77 5.62 -4.21
N ASN B 109 8.00 6.64 -5.04
CA ASN B 109 9.29 7.39 -5.19
C ASN B 109 10.46 6.40 -5.29
N GLY B 110 10.35 5.48 -6.23
CA GLY B 110 11.47 4.63 -6.69
C GLY B 110 11.60 3.33 -5.93
N ARG B 111 10.68 3.03 -5.03
CA ARG B 111 10.72 1.76 -4.26
C ARG B 111 10.28 0.64 -5.22
N TYR B 112 9.39 0.96 -6.16
CA TYR B 112 8.87 0.03 -7.18
C TYR B 112 9.10 0.64 -8.55
N ILE B 113 9.68 -0.17 -9.45
CA ILE B 113 9.89 0.06 -10.90
C ILE B 113 9.14 -1.04 -11.65
N THR B 114 8.12 -0.67 -12.43
CA THR B 114 7.28 -1.61 -13.23
C THR B 114 7.86 -1.76 -14.63
N ALA B 115 7.17 -2.56 -15.43
CA ALA B 115 7.46 -2.89 -16.84
C ALA B 115 6.33 -3.83 -17.31
N GLU B 116 6.29 -4.23 -18.59
CA GLU B 116 5.14 -5.03 -19.08
C GLU B 116 5.23 -6.46 -18.54
N ASP B 117 4.06 -7.07 -18.42
CA ASP B 117 3.85 -8.51 -18.11
C ASP B 117 2.61 -8.97 -18.89
N VAL B 118 2.16 -10.19 -18.62
CA VAL B 118 0.87 -10.73 -19.15
C VAL B 118 -0.21 -9.65 -19.02
N GLY B 119 -0.83 -9.26 -20.13
CA GLY B 119 -1.99 -8.37 -20.12
C GLY B 119 -1.63 -6.91 -20.36
N THR B 120 -0.35 -6.57 -20.38
CA THR B 120 0.10 -5.15 -20.57
C THR B 120 0.97 -5.06 -21.81
N THR B 121 0.71 -4.00 -22.59
CA THR B 121 1.39 -3.62 -23.85
C THR B 121 2.51 -2.64 -23.50
N VAL B 122 3.42 -2.35 -24.42
CA VAL B 122 4.39 -1.21 -24.30
C VAL B 122 3.59 0.09 -24.26
N ASP B 123 2.66 0.26 -25.20
CA ASP B 123 1.74 1.43 -25.22
C ASP B 123 1.20 1.68 -23.81
N ASP B 124 0.91 0.61 -23.05
CA ASP B 124 0.49 0.72 -21.62
C ASP B 124 1.60 1.42 -20.82
N MET B 125 2.81 0.85 -20.77
CA MET B 125 3.95 1.44 -20.03
C MET B 125 4.22 2.87 -20.53
N ASP B 126 3.94 3.16 -21.79
CA ASP B 126 4.23 4.48 -22.41
C ASP B 126 3.35 5.55 -21.77
N ILE B 127 2.18 5.17 -21.25
CA ILE B 127 1.22 6.08 -20.56
C ILE B 127 1.67 6.26 -19.12
N ILE B 128 1.92 5.16 -18.40
CA ILE B 128 2.59 5.13 -17.07
C ILE B 128 3.80 6.06 -17.11
N HIS B 129 4.60 6.03 -18.18
CA HIS B 129 5.83 6.86 -18.31
C HIS B 129 5.48 8.34 -18.31
N GLU B 130 4.25 8.71 -18.70
CA GLU B 130 3.81 10.13 -18.72
C GLU B 130 3.80 10.66 -17.28
N GLU B 131 3.73 9.76 -16.28
CA GLU B 131 3.46 10.09 -14.86
C GLU B 131 4.72 9.88 -13.99
N THR B 132 5.64 9.01 -14.39
CA THR B 132 6.84 8.56 -13.61
C THR B 132 7.91 8.04 -14.57
N ASP B 133 9.15 7.89 -14.11
CA ASP B 133 10.19 7.16 -14.87
C ASP B 133 10.56 5.87 -14.12
N PHE B 134 9.72 5.42 -13.20
CA PHE B 134 9.95 4.17 -12.43
C PHE B 134 9.19 3.09 -13.19
N VAL B 135 9.61 2.92 -14.44
CA VAL B 135 8.95 2.12 -15.50
C VAL B 135 10.01 1.90 -16.58
N THR B 136 10.15 0.67 -17.05
CA THR B 136 11.16 0.32 -18.06
C THR B 136 10.49 -0.55 -19.12
N GLY B 137 11.21 -0.86 -20.19
CA GLY B 137 10.69 -1.60 -21.34
C GLY B 137 9.77 -0.74 -22.18
N ILE B 138 10.23 0.46 -22.57
CA ILE B 138 9.40 1.45 -23.32
C ILE B 138 10.14 1.99 -24.53
N SER B 139 11.49 2.07 -24.48
CA SER B 139 12.36 2.58 -25.59
C SER B 139 13.56 1.65 -25.85
N PRO B 140 13.99 1.48 -27.12
CA PRO B 140 14.97 0.45 -27.50
C PRO B 140 16.03 0.12 -26.44
N PRO B 148 11.24 -7.93 -26.37
CA PRO B 148 12.43 -8.41 -25.64
C PRO B 148 12.79 -9.83 -26.11
N SER B 149 11.91 -10.41 -26.93
CA SER B 149 11.73 -11.87 -27.21
C SER B 149 13.05 -12.56 -27.58
N PRO B 150 13.85 -12.01 -28.53
CA PRO B 150 15.09 -12.66 -28.96
C PRO B 150 16.16 -12.74 -27.87
N VAL B 151 16.08 -11.86 -26.85
CA VAL B 151 17.11 -11.73 -25.78
C VAL B 151 16.85 -12.80 -24.73
N THR B 152 15.58 -12.94 -24.33
CA THR B 152 15.10 -14.03 -23.44
C THR B 152 15.62 -15.36 -24.01
N ALA B 153 15.49 -15.53 -25.33
CA ALA B 153 15.86 -16.74 -26.12
C ALA B 153 17.38 -16.93 -26.13
N TYR B 154 18.09 -15.90 -26.54
CA TYR B 154 19.58 -15.90 -26.51
C TYR B 154 20.04 -16.25 -25.10
N GLY B 155 19.25 -15.83 -24.10
CA GLY B 155 19.44 -16.15 -22.68
C GLY B 155 19.41 -17.64 -22.44
N VAL B 156 18.41 -18.31 -23.01
CA VAL B 156 18.18 -19.77 -22.81
C VAL B 156 19.29 -20.55 -23.51
N TYR B 157 19.59 -20.19 -24.75
CA TYR B 157 20.70 -20.74 -25.57
C TYR B 157 21.94 -20.89 -24.68
N ARG B 158 22.35 -19.80 -24.02
CA ARG B 158 23.55 -19.78 -23.15
C ARG B 158 23.32 -20.68 -21.94
N GLY B 159 22.11 -20.64 -21.37
CA GLY B 159 21.70 -21.56 -20.28
C GLY B 159 21.90 -22.99 -20.71
N MET B 160 21.24 -23.39 -21.80
CA MET B 160 21.26 -24.77 -22.37
C MET B 160 22.69 -25.32 -22.35
N LYS B 161 23.62 -24.55 -22.91
CA LYS B 161 25.03 -24.96 -23.08
C LYS B 161 25.59 -25.47 -21.75
N ALA B 162 25.68 -24.60 -20.75
CA ALA B 162 26.28 -24.92 -19.43
C ALA B 162 25.64 -26.19 -18.87
N ALA B 163 24.34 -26.38 -19.08
CA ALA B 163 23.60 -27.61 -18.71
C ALA B 163 24.19 -28.79 -19.51
N ALA B 164 24.30 -28.64 -20.84
CA ALA B 164 24.92 -29.65 -21.74
C ALA B 164 26.28 -30.06 -21.17
N LYS B 165 27.17 -29.11 -20.91
CA LYS B 165 28.56 -29.38 -20.45
C LYS B 165 28.57 -30.24 -19.19
N GLU B 166 27.56 -30.14 -18.31
CA GLU B 166 27.53 -30.99 -17.08
C GLU B 166 27.07 -32.41 -17.45
N ALA B 167 25.98 -32.51 -18.21
CA ALA B 167 25.28 -33.77 -18.52
C ALA B 167 26.00 -34.53 -19.62
N VAL B 168 26.38 -33.80 -20.66
CA VAL B 168 26.90 -34.28 -21.95
C VAL B 168 28.44 -34.28 -21.91
N GLY B 169 29.10 -33.36 -21.19
CA GLY B 169 30.58 -33.29 -21.07
C GLY B 169 31.21 -32.16 -21.90
N THR B 170 30.44 -31.52 -22.77
CA THR B 170 30.85 -30.38 -23.65
C THR B 170 29.72 -29.36 -23.80
N ASP B 171 30.08 -28.07 -23.85
CA ASP B 171 29.13 -26.94 -24.07
C ASP B 171 28.80 -26.84 -25.56
N ASN B 172 29.40 -27.69 -26.40
CA ASN B 172 28.96 -27.87 -27.81
C ASN B 172 27.65 -28.67 -27.82
N LEU B 173 26.72 -28.24 -28.68
CA LEU B 173 25.37 -28.84 -28.83
C LEU B 173 25.27 -29.63 -30.15
N GLU B 174 26.38 -29.80 -30.86
CA GLU B 174 26.46 -30.76 -31.99
C GLU B 174 26.22 -32.18 -31.47
N GLY B 175 25.49 -33.01 -32.23
CA GLY B 175 25.12 -34.39 -31.86
C GLY B 175 23.88 -34.42 -30.99
N LYS B 176 23.62 -33.32 -30.26
CA LYS B 176 22.52 -33.19 -29.26
C LYS B 176 21.19 -33.02 -30.01
N VAL B 177 20.17 -33.73 -29.55
CA VAL B 177 18.77 -33.67 -30.06
C VAL B 177 17.97 -32.83 -29.07
N ILE B 178 17.39 -31.70 -29.50
CA ILE B 178 16.64 -30.74 -28.63
C ILE B 178 15.13 -30.87 -28.91
N ALA B 179 14.36 -31.24 -27.89
CA ALA B 179 12.89 -31.32 -27.92
C ALA B 179 12.30 -29.99 -27.44
N VAL B 180 11.81 -29.13 -28.34
CA VAL B 180 11.33 -27.75 -28.02
C VAL B 180 9.80 -27.71 -27.95
N GLN B 181 9.25 -27.73 -26.72
CA GLN B 181 7.80 -27.60 -26.42
C GLN B 181 7.36 -26.15 -26.62
N GLY B 182 6.46 -25.91 -27.57
CA GLY B 182 5.97 -24.58 -27.94
C GLY B 182 6.91 -23.92 -28.92
N VAL B 183 6.35 -23.34 -29.99
CA VAL B 183 7.08 -22.43 -30.93
C VAL B 183 6.42 -21.06 -30.76
N GLY B 184 6.60 -20.46 -29.58
CA GLY B 184 6.25 -19.06 -29.31
C GLY B 184 7.30 -18.13 -29.88
N ASN B 185 7.14 -16.83 -29.64
CA ASN B 185 8.11 -15.77 -30.00
C ASN B 185 9.51 -16.18 -29.51
N VAL B 186 9.59 -16.46 -28.21
CA VAL B 186 10.88 -16.76 -27.52
C VAL B 186 11.43 -18.07 -28.12
N ALA B 187 10.61 -19.13 -28.21
CA ALA B 187 11.01 -20.47 -28.72
C ALA B 187 11.60 -20.35 -30.13
N TYR B 188 10.85 -19.72 -31.07
CA TYR B 188 11.27 -19.54 -32.48
C TYR B 188 12.74 -19.09 -32.54
N HIS B 189 13.03 -17.95 -31.91
CA HIS B 189 14.36 -17.28 -31.91
C HIS B 189 15.39 -18.16 -31.18
N LEU B 190 14.94 -19.01 -30.25
CA LEU B 190 15.84 -19.96 -29.54
C LEU B 190 16.31 -20.99 -30.56
N CYS B 191 15.34 -21.67 -31.18
CA CYS B 191 15.53 -22.66 -32.28
C CYS B 191 16.54 -22.08 -33.27
N LYS B 192 16.30 -20.87 -33.78
CA LYS B 192 17.19 -20.15 -34.73
C LYS B 192 18.66 -20.46 -34.39
N HIS B 193 19.09 -20.03 -33.20
CA HIS B 193 20.48 -20.17 -32.68
C HIS B 193 20.85 -21.66 -32.61
N LEU B 194 19.99 -22.47 -31.97
CA LEU B 194 20.16 -23.94 -31.82
C LEU B 194 20.36 -24.64 -33.18
N HIS B 195 19.54 -24.31 -34.17
CA HIS B 195 19.65 -24.84 -35.57
C HIS B 195 21.04 -24.47 -36.10
N ALA B 196 21.33 -23.17 -36.16
CA ALA B 196 22.56 -22.61 -36.75
C ALA B 196 23.79 -22.95 -35.88
N GLU B 197 23.71 -23.91 -34.95
CA GLU B 197 24.89 -24.42 -34.20
C GLU B 197 25.03 -25.95 -34.42
N GLY B 198 24.18 -26.55 -35.23
CA GLY B 198 24.25 -27.99 -35.55
C GLY B 198 23.76 -28.85 -34.40
N ALA B 199 22.51 -28.65 -33.99
CA ALA B 199 21.76 -29.54 -33.07
C ALA B 199 20.39 -29.85 -33.70
N LYS B 200 19.77 -30.96 -33.31
CA LYS B 200 18.59 -31.52 -34.03
C LYS B 200 17.31 -31.24 -33.24
N LEU B 201 16.33 -30.56 -33.85
CA LEU B 201 15.12 -30.00 -33.17
C LEU B 201 13.87 -30.84 -33.43
N ILE B 202 13.28 -31.41 -32.37
CA ILE B 202 11.88 -31.96 -32.38
C ILE B 202 10.98 -30.92 -31.70
N VAL B 203 9.92 -30.50 -32.37
CA VAL B 203 9.05 -29.35 -31.93
C VAL B 203 7.59 -29.83 -31.78
N THR B 204 6.71 -28.91 -31.35
CA THR B 204 5.26 -29.13 -31.10
C THR B 204 4.65 -27.80 -30.67
N ASP B 205 3.34 -27.59 -30.82
CA ASP B 205 2.60 -26.39 -30.37
C ASP B 205 1.09 -26.57 -30.60
N ILE B 206 0.27 -25.73 -29.97
CA ILE B 206 -1.22 -25.69 -30.08
C ILE B 206 -1.58 -25.08 -31.44
N ASN B 207 -0.62 -24.37 -32.06
CA ASN B 207 -0.67 -23.91 -33.47
C ASN B 207 0.21 -24.84 -34.30
N LYS B 208 -0.29 -25.40 -35.42
CA LYS B 208 0.49 -26.31 -36.31
C LYS B 208 1.22 -25.49 -37.39
N GLU B 209 0.56 -24.52 -38.02
CA GLU B 209 1.18 -23.57 -39.00
C GLU B 209 2.49 -22.98 -38.42
N ALA B 210 2.51 -22.69 -37.12
CA ALA B 210 3.67 -22.17 -36.36
C ALA B 210 4.80 -23.21 -36.36
N VAL B 211 4.43 -24.47 -36.09
CA VAL B 211 5.35 -25.66 -36.07
C VAL B 211 5.89 -25.90 -37.49
N GLN B 212 5.11 -25.61 -38.54
CA GLN B 212 5.54 -25.77 -39.95
C GLN B 212 6.57 -24.70 -40.28
N ARG B 213 6.39 -23.48 -39.77
CA ARG B 213 7.42 -22.41 -39.84
C ARG B 213 8.74 -22.98 -39.32
N ALA B 214 8.71 -23.71 -38.20
CA ALA B 214 9.89 -24.29 -37.51
C ALA B 214 10.53 -25.40 -38.35
N VAL B 215 9.77 -26.45 -38.71
CA VAL B 215 10.26 -27.57 -39.56
C VAL B 215 10.92 -26.95 -40.81
N GLU B 216 10.17 -26.12 -41.55
CA GLU B 216 10.59 -25.43 -42.79
C GLU B 216 11.93 -24.73 -42.60
N GLU B 217 12.14 -24.04 -41.47
CA GLU B 217 13.29 -23.13 -41.27
C GLU B 217 14.52 -23.89 -40.73
N PHE B 218 14.32 -24.92 -39.89
CA PHE B 218 15.39 -25.54 -39.05
C PHE B 218 15.43 -27.06 -39.22
N GLY B 219 14.88 -27.58 -40.33
CA GLY B 219 14.83 -29.02 -40.67
C GLY B 219 14.43 -29.86 -39.48
N ALA B 220 13.33 -29.48 -38.82
CA ALA B 220 12.88 -30.05 -37.54
C ALA B 220 11.87 -31.17 -37.81
N SER B 221 11.63 -32.04 -36.81
CA SER B 221 10.48 -32.98 -36.75
C SER B 221 9.36 -32.33 -35.93
N ALA B 222 8.10 -32.54 -36.36
CA ALA B 222 6.87 -31.93 -35.82
C ALA B 222 5.99 -33.03 -35.21
N VAL B 223 5.95 -33.08 -33.89
CA VAL B 223 5.31 -34.16 -33.10
C VAL B 223 4.13 -33.54 -32.33
N GLU B 224 3.18 -34.37 -31.92
CA GLU B 224 1.92 -34.00 -31.23
C GLU B 224 2.27 -33.37 -29.87
N PRO B 225 1.47 -32.40 -29.37
CA PRO B 225 1.67 -31.84 -28.04
C PRO B 225 2.00 -32.88 -26.95
N ASN B 226 1.18 -33.92 -26.79
CA ASN B 226 1.35 -34.87 -25.66
C ASN B 226 2.26 -36.03 -26.07
N GLU B 227 3.18 -35.79 -27.00
CA GLU B 227 4.24 -36.77 -27.38
C GLU B 227 5.63 -36.19 -27.02
N ILE B 228 5.82 -34.89 -27.22
CA ILE B 228 7.10 -34.16 -26.98
C ILE B 228 7.94 -34.76 -25.84
N TYR B 229 7.33 -35.26 -24.76
CA TYR B 229 8.02 -35.71 -23.52
C TYR B 229 8.82 -37.01 -23.76
N GLY B 230 8.18 -37.99 -24.40
CA GLY B 230 8.70 -39.35 -24.61
C GLY B 230 9.60 -39.51 -25.84
N VAL B 231 9.64 -38.48 -26.70
CA VAL B 231 10.56 -38.35 -27.87
C VAL B 231 11.99 -38.71 -27.45
N GLU B 232 12.64 -39.65 -28.16
CA GLU B 232 14.12 -39.87 -28.06
C GLU B 232 14.83 -38.55 -28.36
N CYS B 233 15.41 -37.95 -27.33
CA CYS B 233 16.10 -36.64 -27.37
C CYS B 233 17.08 -36.59 -26.20
N ASP B 234 17.95 -35.58 -26.24
CA ASP B 234 19.08 -35.38 -25.28
C ASP B 234 18.81 -34.15 -24.40
N ILE B 235 18.03 -33.17 -24.89
CA ILE B 235 17.68 -31.92 -24.16
C ILE B 235 16.20 -31.60 -24.37
N TYR B 236 15.49 -31.32 -23.27
CA TYR B 236 14.06 -30.89 -23.23
C TYR B 236 13.96 -29.39 -22.94
N ALA B 237 13.41 -28.61 -23.86
CA ALA B 237 13.25 -27.14 -23.75
C ALA B 237 11.77 -26.80 -23.63
N PRO B 238 11.20 -26.71 -22.40
CA PRO B 238 9.82 -26.27 -22.22
C PRO B 238 9.77 -24.76 -22.48
N CYS B 239 9.05 -24.35 -23.53
CA CYS B 239 8.93 -22.93 -23.98
C CYS B 239 7.46 -22.60 -24.21
N ALA B 240 6.58 -23.24 -23.45
CA ALA B 240 5.12 -23.03 -23.49
C ALA B 240 4.62 -22.77 -22.07
N LEU B 241 4.07 -23.80 -21.43
CA LEU B 241 3.39 -23.72 -20.11
C LEU B 241 4.33 -24.27 -19.04
N GLY B 242 4.00 -23.99 -17.78
CA GLY B 242 4.70 -24.51 -16.59
C GLY B 242 4.04 -25.80 -16.15
N ALA B 243 4.46 -26.31 -14.98
CA ALA B 243 4.01 -27.60 -14.39
C ALA B 243 4.15 -28.72 -15.44
N THR B 244 5.11 -28.57 -16.36
CA THR B 244 5.40 -29.48 -17.50
C THR B 244 6.39 -30.54 -17.04
N VAL B 245 6.82 -30.48 -15.79
CA VAL B 245 7.79 -31.41 -15.16
C VAL B 245 7.13 -31.99 -13.89
N ASN B 246 6.33 -33.03 -14.09
CA ASN B 246 5.42 -33.64 -13.09
C ASN B 246 5.57 -35.16 -13.11
N ASP B 247 4.81 -35.87 -12.28
CA ASP B 247 4.85 -37.35 -12.12
C ASP B 247 4.50 -38.02 -13.46
N GLU B 248 3.80 -37.31 -14.36
CA GLU B 248 3.37 -37.89 -15.65
C GLU B 248 4.48 -37.69 -16.69
N THR B 249 5.21 -36.57 -16.68
CA THR B 249 6.19 -36.25 -17.75
C THR B 249 7.59 -36.78 -17.42
N ILE B 250 7.97 -36.87 -16.15
CA ILE B 250 9.38 -37.10 -15.71
C ILE B 250 9.81 -38.54 -16.02
N PRO B 251 8.98 -39.58 -15.79
CA PRO B 251 9.37 -40.95 -16.16
C PRO B 251 9.33 -41.16 -17.67
N GLN B 252 8.51 -40.38 -18.37
CA GLN B 252 8.40 -40.35 -19.86
C GLN B 252 9.64 -39.73 -20.51
N LEU B 253 10.47 -39.03 -19.74
CA LEU B 253 11.49 -38.07 -20.26
C LEU B 253 12.72 -38.85 -20.71
N LYS B 254 13.17 -38.63 -21.94
CA LYS B 254 14.40 -39.31 -22.46
C LYS B 254 15.62 -38.43 -22.18
N ALA B 255 15.50 -37.12 -22.46
CA ALA B 255 16.57 -36.11 -22.27
C ALA B 255 17.18 -36.22 -20.87
N LYS B 256 18.47 -35.90 -20.77
CA LYS B 256 19.22 -35.84 -19.49
C LYS B 256 19.53 -34.37 -19.14
N VAL B 257 18.95 -33.43 -19.89
CA VAL B 257 19.03 -31.95 -19.64
C VAL B 257 17.66 -31.33 -19.92
N ILE B 258 17.09 -30.65 -18.93
CA ILE B 258 15.91 -29.75 -19.15
C ILE B 258 16.46 -28.33 -19.17
N ALA B 259 15.97 -27.48 -20.08
CA ALA B 259 16.43 -26.09 -20.24
C ALA B 259 15.48 -25.34 -21.17
N GLY B 260 14.54 -24.56 -20.58
CA GLY B 260 13.50 -23.87 -21.35
C GLY B 260 13.32 -22.42 -20.95
N SER B 261 12.39 -21.73 -21.62
CA SER B 261 12.01 -20.31 -21.38
C SER B 261 10.81 -20.22 -20.42
N ALA B 262 10.04 -21.31 -20.27
CA ALA B 262 8.76 -21.35 -19.51
C ALA B 262 9.03 -21.15 -18.02
N ASN B 263 8.07 -20.56 -17.29
CA ASN B 263 8.15 -20.33 -15.83
C ASN B 263 7.46 -21.48 -15.07
N ASN B 264 8.01 -21.85 -13.92
CA ASN B 264 7.44 -22.88 -13.00
C ASN B 264 7.42 -24.22 -13.71
N GLN B 265 8.51 -24.54 -14.40
CA GLN B 265 8.69 -25.80 -15.17
C GLN B 265 8.35 -26.94 -14.20
N LEU B 266 8.81 -26.89 -12.94
CA LEU B 266 8.55 -27.96 -11.92
C LEU B 266 7.16 -27.77 -11.30
N LYS B 267 6.34 -28.83 -11.27
CA LYS B 267 4.91 -28.76 -10.85
C LYS B 267 4.82 -28.64 -9.33
N GLU B 268 5.64 -29.40 -8.62
CA GLU B 268 5.88 -29.21 -7.16
C GLU B 268 7.39 -29.21 -6.95
N ASN B 269 7.84 -28.85 -5.75
CA ASN B 269 9.28 -28.78 -5.39
C ASN B 269 9.82 -30.22 -5.29
N ARG B 270 8.96 -31.18 -4.90
CA ARG B 270 9.17 -32.66 -4.86
C ARG B 270 9.71 -33.20 -6.20
N HIS B 271 9.37 -32.55 -7.31
CA HIS B 271 9.66 -33.03 -8.70
C HIS B 271 11.13 -32.80 -9.02
N GLY B 272 11.66 -31.60 -8.80
CA GLY B 272 13.09 -31.29 -9.05
C GLY B 272 14.02 -32.21 -8.28
N ASP B 273 13.59 -32.67 -7.10
CA ASP B 273 14.38 -33.50 -6.16
C ASP B 273 14.68 -34.87 -6.81
N ILE B 274 13.72 -35.47 -7.53
CA ILE B 274 13.82 -36.86 -8.11
C ILE B 274 14.62 -36.80 -9.44
N ILE B 275 14.40 -35.76 -10.23
CA ILE B 275 15.20 -35.39 -11.44
C ILE B 275 16.69 -35.38 -11.10
N HIS B 276 17.08 -34.71 -10.01
CA HIS B 276 18.46 -34.67 -9.45
C HIS B 276 18.97 -36.11 -9.28
N GLU B 277 18.22 -36.94 -8.53
CA GLU B 277 18.60 -38.35 -8.21
C GLU B 277 18.51 -39.23 -9.46
N MET B 278 17.87 -38.73 -10.54
CA MET B 278 17.66 -39.47 -11.82
C MET B 278 18.81 -39.19 -12.82
N GLY B 279 19.88 -38.54 -12.41
CA GLY B 279 21.03 -38.20 -13.28
C GLY B 279 20.79 -36.92 -14.09
N ILE B 280 19.51 -36.53 -14.25
CA ILE B 280 19.02 -35.47 -15.17
C ILE B 280 19.40 -34.09 -14.62
N VAL B 281 19.84 -33.20 -15.52
CA VAL B 281 20.41 -31.86 -15.21
C VAL B 281 19.39 -30.78 -15.60
N TYR B 282 18.76 -30.20 -14.59
CA TYR B 282 17.72 -29.13 -14.74
C TYR B 282 18.41 -27.77 -14.62
N ALA B 283 18.38 -27.01 -15.72
CA ALA B 283 18.62 -25.53 -15.76
C ALA B 283 17.38 -24.85 -15.19
N PRO B 284 17.47 -24.29 -13.97
CA PRO B 284 16.28 -23.81 -13.25
C PRO B 284 15.62 -22.63 -13.95
N ASP B 285 14.28 -22.67 -14.05
CA ASP B 285 13.44 -21.75 -14.86
C ASP B 285 13.98 -20.32 -14.76
N TYR B 286 13.88 -19.73 -13.56
CA TYR B 286 14.03 -18.28 -13.27
C TYR B 286 15.48 -17.80 -13.37
N VAL B 287 16.44 -18.70 -13.62
CA VAL B 287 17.86 -18.30 -13.83
C VAL B 287 18.09 -18.08 -15.33
N ILE B 288 17.44 -18.87 -16.19
CA ILE B 288 17.71 -18.91 -17.66
C ILE B 288 17.03 -17.68 -18.29
N ASN B 289 15.20 -17.80 -18.40
CA ASN B 289 14.38 -16.69 -18.95
C ASN B 289 14.76 -15.32 -18.37
N ALA B 290 15.75 -15.23 -17.47
CA ALA B 290 16.24 -13.95 -16.87
C ALA B 290 16.64 -12.95 -17.96
N GLY B 291 16.82 -13.40 -19.20
CA GLY B 291 17.19 -12.55 -20.35
C GLY B 291 16.34 -11.31 -20.44
N GLY B 292 15.01 -11.51 -20.45
CA GLY B 292 14.02 -10.43 -20.63
C GLY B 292 14.12 -9.35 -19.56
N VAL B 293 14.25 -9.76 -18.30
CA VAL B 293 14.42 -8.83 -17.14
C VAL B 293 15.78 -8.16 -17.28
N ILE B 294 16.86 -8.93 -17.33
CA ILE B 294 18.25 -8.41 -17.48
C ILE B 294 18.25 -7.32 -18.56
N ASN B 295 17.40 -7.44 -19.57
CA ASN B 295 17.37 -6.47 -20.70
C ASN B 295 16.73 -5.16 -20.23
N VAL B 296 15.48 -5.19 -19.76
CA VAL B 296 14.71 -3.97 -19.32
C VAL B 296 15.46 -3.35 -18.15
N ALA B 297 16.15 -4.17 -17.38
CA ALA B 297 16.99 -3.77 -16.22
C ALA B 297 18.18 -2.93 -16.72
N ASP B 298 18.78 -3.31 -17.85
CA ASP B 298 19.91 -2.57 -18.46
C ASP B 298 19.39 -1.29 -19.12
N GLU B 299 18.10 -1.22 -19.45
CA GLU B 299 17.46 0.01 -19.98
C GLU B 299 17.63 1.16 -18.98
N LEU B 300 17.60 0.86 -17.69
CA LEU B 300 17.59 1.89 -16.62
C LEU B 300 19.01 2.48 -16.47
N TYR B 301 20.06 1.65 -16.43
CA TYR B 301 21.47 2.12 -16.44
C TYR B 301 21.64 3.08 -17.63
N GLY B 302 20.82 2.90 -18.68
CA GLY B 302 20.87 3.60 -19.98
C GLY B 302 21.23 2.61 -21.06
N TYR B 303 20.32 2.30 -22.00
CA TYR B 303 20.43 1.05 -22.81
C TYR B 303 21.77 1.02 -23.55
N ASN B 304 22.47 -0.12 -23.47
CA ASN B 304 23.69 -0.39 -24.28
C ASN B 304 23.59 -1.81 -24.85
N ARG B 305 23.32 -1.96 -26.15
CA ARG B 305 23.05 -3.28 -26.78
C ARG B 305 24.11 -4.30 -26.34
N GLU B 306 25.40 -3.95 -26.43
CA GLU B 306 26.52 -4.90 -26.21
C GLU B 306 26.57 -5.33 -24.75
N ARG B 307 26.74 -4.38 -23.81
CA ARG B 307 26.81 -4.65 -22.33
C ARG B 307 25.55 -5.42 -21.87
N ALA B 308 24.38 -5.13 -22.46
CA ALA B 308 23.08 -5.78 -22.13
C ALA B 308 23.20 -7.28 -22.41
N LEU B 309 23.56 -7.59 -23.67
CA LEU B 309 23.71 -8.98 -24.17
C LEU B 309 24.84 -9.70 -23.42
N LYS B 310 25.87 -8.97 -22.95
CA LYS B 310 26.98 -9.56 -22.19
C LYS B 310 26.48 -9.98 -20.79
N ARG B 311 25.55 -9.24 -20.18
CA ARG B 311 25.01 -9.65 -18.85
C ARG B 311 24.11 -10.88 -19.07
N VAL B 312 23.50 -10.99 -20.26
CA VAL B 312 22.63 -12.14 -20.66
C VAL B 312 23.53 -13.35 -20.93
N GLU B 313 24.51 -13.16 -21.82
CA GLU B 313 25.65 -14.08 -22.08
C GLU B 313 26.04 -14.80 -20.77
N SER B 314 26.00 -14.10 -19.63
CA SER B 314 26.53 -14.60 -18.32
C SER B 314 25.60 -15.65 -17.70
N ILE B 315 24.37 -15.77 -18.21
CA ILE B 315 23.43 -16.84 -17.77
C ILE B 315 24.17 -18.18 -17.84
N TYR B 316 25.02 -18.37 -18.87
CA TYR B 316 25.93 -19.53 -18.96
C TYR B 316 26.55 -19.73 -17.57
N ASP B 317 27.33 -18.73 -17.13
CA ASP B 317 28.18 -18.84 -15.93
C ASP B 317 27.29 -19.03 -14.70
N THR B 318 26.08 -18.44 -14.69
CA THR B 318 25.13 -18.58 -13.55
C THR B 318 24.74 -20.06 -13.43
N ILE B 319 24.30 -20.67 -14.53
CA ILE B 319 23.89 -22.10 -14.58
C ILE B 319 25.07 -22.97 -14.13
N ALA B 320 26.25 -22.70 -14.70
CA ALA B 320 27.53 -23.39 -14.42
C ALA B 320 27.76 -23.45 -12.89
N LYS B 321 27.56 -22.32 -12.19
CA LYS B 321 27.74 -22.21 -10.70
C LYS B 321 26.62 -23.00 -9.99
N VAL B 322 25.38 -22.89 -10.47
CA VAL B 322 24.19 -23.60 -9.91
C VAL B 322 24.43 -25.11 -10.00
N ILE B 323 24.91 -25.56 -11.17
CA ILE B 323 25.35 -26.96 -11.46
C ILE B 323 26.43 -27.39 -10.44
N GLU B 324 27.51 -26.60 -10.33
CA GLU B 324 28.63 -26.84 -9.37
C GLU B 324 28.05 -27.07 -7.96
N ILE B 325 27.30 -26.10 -7.44
CA ILE B 325 26.77 -26.11 -6.04
C ILE B 325 25.89 -27.36 -5.86
N SER B 326 25.09 -27.70 -6.88
CA SER B 326 24.22 -28.89 -6.89
C SER B 326 25.03 -30.17 -6.63
N LYS B 327 26.32 -30.20 -7.01
CA LYS B 327 27.25 -31.33 -6.72
C LYS B 327 27.91 -31.14 -5.34
N ARG B 328 28.57 -30.00 -5.11
CA ARG B 328 29.31 -29.66 -3.86
C ARG B 328 28.41 -29.88 -2.62
N ASP B 329 27.08 -29.88 -2.79
CA ASP B 329 26.09 -30.02 -1.69
C ASP B 329 25.05 -31.13 -1.93
N GLY B 330 25.14 -31.88 -3.04
CA GLY B 330 24.16 -32.93 -3.40
C GLY B 330 22.73 -32.49 -3.17
N ILE B 331 22.26 -31.50 -3.94
CA ILE B 331 20.89 -30.87 -3.86
C ILE B 331 20.45 -30.46 -5.27
N ALA B 332 19.14 -30.51 -5.55
CA ALA B 332 18.54 -30.21 -6.87
C ALA B 332 18.97 -28.80 -7.30
N THR B 333 19.09 -28.56 -8.61
CA THR B 333 19.65 -27.29 -9.15
C THR B 333 18.78 -26.10 -8.74
N TYR B 334 17.47 -26.31 -8.60
CA TYR B 334 16.53 -25.22 -8.22
C TYR B 334 16.83 -24.79 -6.77
N VAL B 335 17.33 -25.69 -5.93
CA VAL B 335 17.72 -25.33 -4.53
C VAL B 335 19.02 -24.52 -4.56
N ALA B 336 20.06 -24.98 -5.26
CA ALA B 336 21.34 -24.26 -5.40
C ALA B 336 21.09 -22.83 -5.88
N ALA B 337 20.10 -22.67 -6.76
CA ALA B 337 19.70 -21.37 -7.37
C ALA B 337 19.11 -20.49 -6.27
N ASP B 338 18.15 -21.03 -5.51
CA ASP B 338 17.52 -20.33 -4.34
C ASP B 338 18.65 -19.92 -3.37
N ARG B 339 19.56 -20.83 -3.04
CA ARG B 339 20.68 -20.54 -2.12
C ARG B 339 21.66 -19.56 -2.76
N LEU B 340 21.77 -19.54 -4.09
CA LEU B 340 22.70 -18.63 -4.80
C LEU B 340 22.22 -17.20 -4.62
N ALA B 341 20.91 -16.98 -4.90
CA ALA B 341 20.21 -15.67 -4.76
C ALA B 341 20.28 -15.24 -3.31
N GLU B 342 19.81 -16.08 -2.40
CA GLU B 342 19.85 -15.82 -0.94
C GLU B 342 21.25 -15.39 -0.53
N GLU B 343 22.27 -16.21 -0.79
CA GLU B 343 23.66 -15.95 -0.33
C GLU B 343 24.12 -14.63 -0.91
N ARG B 344 23.66 -14.24 -2.11
CA ARG B 344 24.02 -12.94 -2.74
C ARG B 344 23.40 -11.77 -1.97
N ILE B 345 22.06 -11.74 -1.90
CA ILE B 345 21.27 -10.75 -1.13
C ILE B 345 21.97 -10.52 0.21
N ALA B 346 22.15 -11.60 0.96
CA ALA B 346 22.75 -11.59 2.31
C ALA B 346 24.15 -10.96 2.28
N SER B 347 25.05 -11.45 1.43
CA SER B 347 26.49 -11.08 1.43
C SER B 347 26.66 -9.59 1.18
N LEU B 348 25.85 -9.06 0.26
CA LEU B 348 25.88 -7.63 -0.11
C LEU B 348 25.34 -6.79 1.05
N LYS B 349 24.22 -7.23 1.65
CA LYS B 349 23.55 -6.56 2.81
C LYS B 349 24.62 -6.20 3.84
N ASN B 350 25.56 -7.13 4.09
CA ASN B 350 26.70 -6.91 5.00
C ASN B 350 27.71 -5.94 4.37
N SER B 351 28.25 -6.30 3.21
CA SER B 351 29.46 -5.64 2.62
C SER B 351 29.17 -4.17 2.33
N ARG B 352 27.89 -3.82 2.20
CA ARG B 352 27.39 -2.46 1.84
C ARG B 352 26.76 -1.71 3.01
N SER B 353 26.83 -2.22 4.24
CA SER B 353 26.15 -1.60 5.41
C SER B 353 27.00 -0.42 5.93
N THR B 354 28.18 -0.17 5.35
CA THR B 354 29.01 1.05 5.58
C THR B 354 28.24 2.31 5.13
N TYR B 355 28.37 3.42 5.88
CA TYR B 355 27.65 4.71 5.64
C TYR B 355 28.33 5.50 4.53
N LEU B 356 27.52 6.20 3.73
CA LEU B 356 27.96 7.19 2.71
C LEU B 356 26.87 8.25 2.64
N ARG B 357 27.17 9.52 2.46
CA ARG B 357 26.05 10.48 2.42
C ARG B 357 25.59 10.68 0.96
N ASN B 358 26.31 10.10 0.00
CA ASN B 358 26.15 10.25 -1.47
C ASN B 358 26.07 8.87 -2.11
N GLY B 359 25.43 7.91 -1.44
CA GLY B 359 25.23 6.53 -1.92
C GLY B 359 24.67 6.49 -3.33
N HIS B 360 25.08 5.50 -4.13
CA HIS B 360 24.71 5.28 -5.55
C HIS B 360 23.73 4.09 -5.65
N ASP B 361 22.81 4.17 -6.61
CA ASP B 361 21.81 3.10 -6.93
C ASP B 361 21.43 3.24 -8.40
N ILE B 362 20.79 2.21 -8.98
CA ILE B 362 20.36 2.16 -10.42
C ILE B 362 19.53 3.43 -10.79
N ILE B 363 18.87 4.05 -9.81
CA ILE B 363 18.00 5.26 -9.96
C ILE B 363 18.84 6.53 -10.10
N SER B 364 20.08 6.56 -9.56
CA SER B 364 21.02 7.71 -9.67
C SER B 364 21.71 7.77 -11.04
N ARG B 365 21.02 7.38 -12.11
CA ARG B 365 21.47 7.38 -13.55
C ARG B 365 20.35 6.85 -14.44
#